data_3Q83
#
_entry.id   3Q83
#
_cell.length_a   91.615
_cell.length_b   91.615
_cell.length_c   176.876
_cell.angle_alpha   90.00
_cell.angle_beta   90.00
_cell.angle_gamma   120.00
#
_symmetry.space_group_name_H-M   'P 32 2 1'
#
loop_
_entity.id
_entity.type
_entity.pdbx_description
1 polymer 'Nucleoside diphosphate kinase'
2 water water
#
_entity_poly.entity_id   1
_entity_poly.type   'polypeptide(L)'
_entity_poly.pdbx_seq_one_letter_code
;MERTFLMIKPDAVQRNLIGEVISRIERKGLKLVGGKLMQVPMELAETHYGEHQGKPFYNDLISFITSAPVFAMVVEGEDA
VNVSRHIIGSTNPSEASPGSIRGDLGLTVGRNIIHGSDSLESAEREINLWFNENEITSYASPRDAWLYELEHHHHHH
;
_entity_poly.pdbx_strand_id   A,B,C,D,E,F
#
# COMPACT_ATOMS: atom_id res chain seq x y z
N MET A 1 6.63 23.57 -19.98
CA MET A 1 7.22 22.28 -19.46
C MET A 1 6.76 21.08 -20.31
N GLU A 2 7.69 20.14 -20.58
CA GLU A 2 7.40 18.92 -21.34
C GLU A 2 6.15 18.14 -20.91
N ARG A 3 5.49 17.53 -21.88
CA ARG A 3 4.25 16.76 -21.75
C ARG A 3 4.27 15.52 -22.60
N THR A 4 3.63 14.46 -22.09
CA THR A 4 3.49 13.23 -22.85
C THR A 4 2.08 12.70 -22.74
N PHE A 5 1.71 11.84 -23.68
CA PHE A 5 0.43 11.21 -23.64
C PHE A 5 0.56 9.78 -23.09
N LEU A 6 -0.19 9.50 -22.02
CA LEU A 6 -0.31 8.17 -21.45
C LEU A 6 -1.74 7.70 -21.59
N MET A 7 -1.90 6.38 -21.65
CA MET A 7 -3.23 5.84 -21.71
C MET A 7 -3.27 4.55 -20.96
N ILE A 8 -4.12 4.49 -19.93
CA ILE A 8 -4.39 3.23 -19.23
C ILE A 8 -5.30 2.39 -20.12
N LYS A 9 -4.83 1.19 -20.42
CA LYS A 9 -5.47 0.38 -21.44
C LYS A 9 -6.62 -0.44 -20.86
N PRO A 10 -7.47 -1.03 -21.73
CA PRO A 10 -8.67 -1.75 -21.27
C PRO A 10 -8.39 -2.91 -20.34
N ASP A 11 -7.26 -3.59 -20.50
CA ASP A 11 -6.87 -4.63 -19.56
C ASP A 11 -6.76 -4.07 -18.13
N ALA A 12 -6.05 -2.97 -17.97
CA ALA A 12 -5.93 -2.38 -16.66
C ALA A 12 -7.31 -1.94 -16.10
N VAL A 13 -8.16 -1.42 -16.99
CA VAL A 13 -9.44 -0.91 -16.63
C VAL A 13 -10.26 -2.10 -16.13
N GLN A 14 -10.22 -3.17 -16.91
CA GLN A 14 -11.03 -4.34 -16.62
C GLN A 14 -10.49 -5.17 -15.50
N ARG A 15 -9.26 -4.87 -15.08
CA ARG A 15 -8.70 -5.54 -13.94
C ARG A 15 -8.79 -4.67 -12.70
N ASN A 16 -9.39 -3.48 -12.87
CA ASN A 16 -9.63 -2.57 -11.74
C ASN A 16 -8.37 -1.99 -11.15
N LEU A 17 -7.50 -1.54 -12.03
CA LEU A 17 -6.16 -1.13 -11.64
C LEU A 17 -5.96 0.35 -11.91
N ILE A 18 -7.04 1.05 -12.27
CA ILE A 18 -6.92 2.46 -12.64
C ILE A 18 -6.18 3.27 -11.56
N GLY A 19 -6.67 3.24 -10.31
CA GLY A 19 -6.09 4.03 -9.22
C GLY A 19 -4.65 3.71 -8.96
N GLU A 20 -4.33 2.42 -8.98
CA GLU A 20 -2.98 1.93 -8.73
C GLU A 20 -2.01 2.53 -9.75
N VAL A 21 -2.42 2.55 -11.01
CA VAL A 21 -1.58 3.02 -12.07
C VAL A 21 -1.42 4.51 -11.99
N ILE A 22 -2.51 5.24 -11.73
CA ILE A 22 -2.40 6.68 -11.53
C ILE A 22 -1.49 6.95 -10.34
N SER A 23 -1.66 6.20 -9.26
CA SER A 23 -0.78 6.39 -8.11
C SER A 23 0.70 6.32 -8.46
N ARG A 24 1.09 5.39 -9.33
CA ARG A 24 2.49 5.26 -9.63
C ARG A 24 2.95 6.45 -10.44
N ILE A 25 2.07 6.99 -11.29
CA ILE A 25 2.42 8.12 -12.10
C ILE A 25 2.56 9.35 -11.23
N GLU A 26 1.56 9.53 -10.35
CA GLU A 26 1.51 10.66 -9.41
C GLU A 26 2.69 10.74 -8.47
N ARG A 27 3.05 9.61 -7.82
CA ARG A 27 4.10 9.58 -6.80
C ARG A 27 5.51 9.84 -7.41
N LYS A 28 5.63 9.65 -8.72
CA LYS A 28 6.88 9.88 -9.43
C LYS A 28 7.18 11.37 -9.58
N GLY A 29 6.16 12.21 -9.45
CA GLY A 29 6.39 13.64 -9.53
C GLY A 29 5.77 14.23 -10.78
N LEU A 30 5.28 13.37 -11.68
CA LEU A 30 4.55 13.82 -12.85
C LEU A 30 3.19 14.43 -12.53
N LYS A 31 2.81 15.46 -13.26
CA LYS A 31 1.61 16.25 -12.98
C LYS A 31 0.51 15.88 -13.97
N LEU A 32 -0.60 15.37 -13.46
CA LEU A 32 -1.73 15.02 -14.32
C LEU A 32 -2.35 16.32 -14.76
N VAL A 33 -2.38 16.54 -16.06
CA VAL A 33 -2.77 17.85 -16.56
C VAL A 33 -4.02 17.70 -17.46
N GLY A 34 -4.23 16.49 -17.96
CA GLY A 34 -5.43 16.15 -18.69
C GLY A 34 -5.73 14.70 -18.39
N GLY A 35 -7.02 14.36 -18.33
CA GLY A 35 -7.44 12.99 -18.02
C GLY A 35 -8.92 12.74 -18.31
N LYS A 36 -9.21 11.70 -19.07
CA LYS A 36 -10.60 11.35 -19.30
C LYS A 36 -10.83 9.87 -19.51
N LEU A 37 -11.86 9.34 -18.85
CA LEU A 37 -12.33 7.99 -19.16
C LEU A 37 -13.10 8.03 -20.49
N MET A 38 -12.74 7.18 -21.43
CA MET A 38 -13.43 7.21 -22.72
C MET A 38 -13.44 5.87 -23.44
N GLN A 39 -14.53 5.63 -24.16
CA GLN A 39 -14.56 4.57 -25.12
C GLN A 39 -13.78 5.10 -26.34
N VAL A 40 -12.91 4.28 -26.91
CA VAL A 40 -12.08 4.69 -28.03
C VAL A 40 -12.81 4.44 -29.32
N PRO A 41 -13.15 5.50 -30.08
CA PRO A 41 -13.79 5.21 -31.37
C PRO A 41 -12.83 4.47 -32.32
N MET A 42 -13.38 3.61 -33.16
CA MET A 42 -12.59 2.90 -34.15
C MET A 42 -11.59 3.76 -34.92
N GLU A 43 -11.98 4.97 -35.34
CA GLU A 43 -11.08 5.78 -36.17
C GLU A 43 -9.90 6.22 -35.33
N LEU A 44 -10.17 6.70 -34.12
CA LEU A 44 -9.08 7.10 -33.23
C LEU A 44 -8.09 5.96 -33.01
N ALA A 45 -8.62 4.75 -32.78
CA ALA A 45 -7.75 3.63 -32.60
C ALA A 45 -6.87 3.43 -33.84
N GLU A 46 -7.47 3.47 -35.03
CA GLU A 46 -6.76 3.23 -36.29
C GLU A 46 -5.72 4.31 -36.57
N THR A 47 -6.06 5.56 -36.38
CA THR A 47 -5.04 6.58 -36.59
C THR A 47 -3.95 6.61 -35.47
N HIS A 48 -4.33 6.31 -34.23
CA HIS A 48 -3.35 6.17 -33.16
C HIS A 48 -2.33 5.05 -33.44
N TYR A 49 -2.82 3.91 -33.90
CA TYR A 49 -1.97 2.77 -34.15
C TYR A 49 -1.55 2.62 -35.62
N GLY A 50 -1.66 3.73 -36.36
CA GLY A 50 -1.49 3.72 -37.81
C GLY A 50 -0.23 3.02 -38.28
N GLU A 51 0.88 3.26 -37.60
CA GLU A 51 2.16 2.65 -37.96
C GLU A 51 2.10 1.14 -38.16
N HIS A 52 1.21 0.49 -37.41
CA HIS A 52 1.13 -0.96 -37.40
C HIS A 52 0.10 -1.56 -38.40
N GLN A 53 -0.51 -0.76 -39.29
CA GLN A 53 -1.56 -1.23 -40.23
C GLN A 53 -1.28 -2.57 -40.92
N GLY A 54 -0.03 -2.83 -41.22
CA GLY A 54 0.29 -3.98 -42.04
C GLY A 54 0.51 -5.25 -41.25
N LYS A 55 0.96 -5.08 -40.00
CA LYS A 55 1.44 -6.16 -39.15
C LYS A 55 0.37 -7.20 -38.80
N PRO A 56 0.78 -8.46 -38.59
CA PRO A 56 -0.16 -9.51 -38.20
C PRO A 56 -1.03 -9.13 -36.97
N PHE A 57 -0.41 -8.62 -35.91
CA PHE A 57 -1.14 -8.29 -34.68
C PHE A 57 -2.13 -7.10 -34.75
N TYR A 58 -2.18 -6.41 -35.90
CA TYR A 58 -2.90 -5.14 -36.02
C TYR A 58 -4.38 -5.18 -35.63
N ASN A 59 -5.10 -6.18 -36.13
CA ASN A 59 -6.53 -6.27 -35.88
C ASN A 59 -6.79 -6.51 -34.42
N ASP A 60 -5.94 -7.35 -33.85
CA ASP A 60 -6.02 -7.68 -32.46
C ASP A 60 -5.83 -6.46 -31.57
N LEU A 61 -4.82 -5.64 -31.90
CA LEU A 61 -4.59 -4.36 -31.27
C LEU A 61 -5.84 -3.48 -31.33
N ILE A 62 -6.44 -3.34 -32.52
CA ILE A 62 -7.59 -2.45 -32.71
C ILE A 62 -8.82 -2.95 -31.95
N SER A 63 -9.07 -4.26 -31.98
CA SER A 63 -10.15 -4.89 -31.21
C SER A 63 -9.89 -4.72 -29.73
N PHE A 64 -8.64 -4.87 -29.31
CA PHE A 64 -8.37 -4.83 -27.89
C PHE A 64 -8.57 -3.45 -27.31
N ILE A 65 -8.06 -2.44 -28.02
CA ILE A 65 -8.10 -1.08 -27.55
C ILE A 65 -9.48 -0.48 -27.62
N THR A 66 -10.37 -1.09 -28.38
CA THR A 66 -11.75 -0.62 -28.49
C THR A 66 -12.72 -1.50 -27.74
N SER A 67 -12.22 -2.48 -26.99
CA SER A 67 -13.06 -3.47 -26.30
C SER A 67 -13.69 -2.96 -25.00
N ALA A 68 -13.10 -1.95 -24.38
CA ALA A 68 -13.67 -1.38 -23.16
C ALA A 68 -12.98 -0.03 -22.94
N PRO A 69 -13.51 0.82 -22.06
CA PRO A 69 -12.92 2.16 -21.97
C PRO A 69 -11.47 2.15 -21.56
N VAL A 70 -10.78 3.22 -21.92
CA VAL A 70 -9.41 3.46 -21.50
C VAL A 70 -9.41 4.76 -20.69
N PHE A 71 -8.35 4.99 -19.93
CA PHE A 71 -8.20 6.30 -19.28
C PHE A 71 -7.07 7.10 -19.95
N ALA A 72 -7.43 8.16 -20.65
CA ALA A 72 -6.51 8.86 -21.50
C ALA A 72 -5.94 10.00 -20.70
N MET A 73 -4.63 10.22 -20.82
CA MET A 73 -3.96 11.18 -19.94
C MET A 73 -2.99 12.09 -20.66
N VAL A 74 -2.88 13.33 -20.19
CA VAL A 74 -1.74 14.17 -20.52
C VAL A 74 -1.01 14.47 -19.23
N VAL A 75 0.29 14.22 -19.22
CA VAL A 75 1.11 14.29 -18.03
C VAL A 75 2.28 15.24 -18.30
N GLU A 76 2.65 16.01 -17.29
CA GLU A 76 3.59 17.11 -17.46
C GLU A 76 4.74 16.97 -16.46
N GLY A 77 5.96 17.23 -16.92
CA GLY A 77 7.10 17.25 -16.04
C GLY A 77 8.40 17.32 -16.79
N GLU A 78 9.48 17.69 -16.12
CA GLU A 78 10.75 17.78 -16.79
C GLU A 78 11.03 16.39 -17.34
N ASP A 79 11.37 16.30 -18.61
CA ASP A 79 11.74 15.05 -19.24
C ASP A 79 10.56 14.00 -19.19
N ALA A 80 9.33 14.48 -19.21
CA ALA A 80 8.15 13.66 -19.02
C ALA A 80 8.08 12.43 -19.90
N VAL A 81 8.47 12.57 -21.17
CA VAL A 81 8.33 11.47 -22.12
C VAL A 81 9.16 10.30 -21.65
N ASN A 82 10.46 10.54 -21.43
CA ASN A 82 11.37 9.54 -20.93
C ASN A 82 11.06 9.05 -19.51
N VAL A 83 10.58 9.95 -18.67
CA VAL A 83 10.31 9.59 -17.28
C VAL A 83 9.19 8.57 -17.28
N SER A 84 8.17 8.83 -18.07
CA SER A 84 7.04 7.93 -18.18
C SER A 84 7.46 6.60 -18.71
N ARG A 85 8.26 6.59 -19.79
CA ARG A 85 8.70 5.33 -20.36
C ARG A 85 9.50 4.51 -19.35
N HIS A 86 10.26 5.21 -18.53
CA HIS A 86 11.06 4.61 -17.48
C HIS A 86 10.21 3.91 -16.45
N ILE A 87 9.22 4.59 -15.90
CA ILE A 87 8.37 3.95 -14.87
C ILE A 87 7.34 2.95 -15.43
N ILE A 88 7.01 3.08 -16.71
CA ILE A 88 6.15 2.14 -17.36
C ILE A 88 6.90 0.82 -17.60
N GLY A 89 8.17 0.89 -18.00
CA GLY A 89 8.97 -0.31 -18.29
C GLY A 89 8.84 -0.79 -19.73
N SER A 90 9.71 -1.74 -20.10
CA SER A 90 9.75 -2.34 -21.45
C SER A 90 8.44 -2.86 -21.96
N THR A 91 8.25 -2.80 -23.27
CA THR A 91 7.05 -3.20 -23.93
C THR A 91 6.59 -4.55 -23.45
N ASN A 92 7.53 -5.47 -23.32
CA ASN A 92 7.23 -6.81 -22.86
C ASN A 92 7.36 -6.91 -21.35
N PRO A 93 6.22 -7.01 -20.65
CA PRO A 93 6.22 -7.07 -19.18
C PRO A 93 7.19 -8.10 -18.59
N SER A 94 7.57 -9.12 -19.34
CA SER A 94 8.55 -10.08 -18.81
C SER A 94 10.01 -9.57 -18.89
N GLU A 95 10.24 -8.54 -19.70
CA GLU A 95 11.52 -7.89 -19.76
C GLU A 95 11.54 -6.68 -18.86
N ALA A 96 10.37 -6.12 -18.58
CA ALA A 96 10.27 -4.86 -17.85
C ALA A 96 10.80 -5.07 -16.44
N SER A 97 11.54 -4.10 -15.98
CA SER A 97 12.07 -4.14 -14.63
C SER A 97 10.98 -4.34 -13.56
N PRO A 98 11.25 -5.24 -12.61
CA PRO A 98 10.35 -5.26 -11.44
C PRO A 98 10.32 -3.85 -10.85
N GLY A 99 9.17 -3.46 -10.29
CA GLY A 99 8.95 -2.08 -9.83
C GLY A 99 8.33 -1.16 -10.89
N SER A 100 8.38 -1.56 -12.16
CA SER A 100 7.77 -0.74 -13.22
C SER A 100 6.32 -1.17 -13.35
N ILE A 101 5.50 -0.30 -13.94
CA ILE A 101 4.08 -0.64 -14.11
C ILE A 101 3.89 -1.98 -14.79
N ARG A 102 4.58 -2.18 -15.92
CA ARG A 102 4.44 -3.38 -16.69
C ARG A 102 5.09 -4.57 -15.98
N GLY A 103 6.25 -4.31 -15.34
CA GLY A 103 7.00 -5.33 -14.61
C GLY A 103 6.19 -5.92 -13.44
N ASP A 104 5.49 -5.06 -12.70
CA ASP A 104 4.70 -5.54 -11.55
C ASP A 104 3.33 -6.07 -11.99
N LEU A 105 2.72 -5.45 -13.01
CA LEU A 105 1.31 -5.70 -13.27
C LEU A 105 0.96 -6.49 -14.50
N GLY A 106 1.83 -6.59 -15.48
CA GLY A 106 1.44 -7.20 -16.75
C GLY A 106 2.09 -8.55 -17.03
N LEU A 107 1.51 -9.30 -17.96
CA LEU A 107 2.10 -10.56 -18.41
C LEU A 107 2.59 -10.55 -19.86
N THR A 108 1.72 -10.12 -20.78
CA THR A 108 2.01 -10.28 -22.19
C THR A 108 2.15 -8.95 -22.84
N VAL A 109 2.83 -8.95 -23.99
CA VAL A 109 3.11 -7.77 -24.78
C VAL A 109 1.79 -7.12 -25.21
N GLY A 110 0.82 -7.92 -25.63
CA GLY A 110 -0.47 -7.42 -26.09
C GLY A 110 -1.34 -6.89 -24.98
N ARG A 111 -1.10 -7.31 -23.74
CA ARG A 111 -1.93 -6.88 -22.60
C ARG A 111 -1.08 -6.27 -21.51
N ASN A 112 -0.51 -5.11 -21.81
CA ASN A 112 0.58 -4.56 -21.02
C ASN A 112 0.24 -3.24 -20.31
N ILE A 113 -1.04 -3.10 -19.95
CA ILE A 113 -1.50 -2.16 -18.91
C ILE A 113 -1.67 -0.71 -19.31
N ILE A 114 -0.67 -0.15 -19.99
CA ILE A 114 -0.57 1.25 -20.25
C ILE A 114 0.25 1.55 -21.53
N HIS A 115 -0.06 2.68 -22.16
CA HIS A 115 0.68 3.18 -23.31
C HIS A 115 1.34 4.47 -22.91
N GLY A 116 2.56 4.72 -23.40
CA GLY A 116 3.20 6.02 -23.26
C GLY A 116 3.83 6.41 -24.57
N SER A 117 3.80 7.70 -24.91
CA SER A 117 4.42 8.19 -26.13
C SER A 117 5.88 7.79 -26.17
N ASP A 118 6.38 7.36 -27.33
CA ASP A 118 7.77 6.88 -27.44
C ASP A 118 8.77 8.00 -27.74
N SER A 119 8.27 9.16 -28.10
CA SER A 119 9.16 10.30 -28.33
C SER A 119 8.47 11.63 -28.17
N LEU A 120 9.26 12.69 -28.16
CA LEU A 120 8.73 14.03 -28.20
C LEU A 120 7.76 14.26 -29.36
N GLU A 121 8.10 13.85 -30.58
CA GLU A 121 7.20 14.19 -31.69
C GLU A 121 5.87 13.38 -31.63
N SER A 122 5.97 12.09 -31.31
CA SER A 122 4.77 11.31 -31.15
C SER A 122 3.97 11.71 -29.90
N ALA A 123 4.62 12.32 -28.91
CA ALA A 123 3.90 12.91 -27.80
C ALA A 123 2.97 14.03 -28.26
N GLU A 124 3.47 15.00 -29.03
CA GLU A 124 2.61 16.10 -29.48
C GLU A 124 1.53 15.63 -30.46
N ARG A 125 1.84 14.61 -31.24
CA ARG A 125 0.91 14.04 -32.17
C ARG A 125 -0.21 13.28 -31.40
N GLU A 126 0.18 12.52 -30.40
CA GLU A 126 -0.80 11.80 -29.62
C GLU A 126 -1.63 12.74 -28.75
N ILE A 127 -0.98 13.68 -28.08
CA ILE A 127 -1.72 14.70 -27.31
C ILE A 127 -2.78 15.37 -28.21
N ASN A 128 -2.35 15.79 -29.39
CA ASN A 128 -3.23 16.45 -30.33
C ASN A 128 -4.39 15.63 -30.82
N LEU A 129 -4.12 14.35 -31.06
CA LEU A 129 -5.10 13.37 -31.54
C LEU A 129 -6.17 13.08 -30.51
N TRP A 130 -5.77 12.91 -29.23
CA TRP A 130 -6.69 12.48 -28.16
C TRP A 130 -7.39 13.61 -27.39
N PHE A 131 -6.76 14.78 -27.33
CA PHE A 131 -7.26 15.92 -26.51
C PHE A 131 -7.39 17.20 -27.30
N ASN A 132 -8.30 18.05 -26.89
CA ASN A 132 -8.34 19.41 -27.36
C ASN A 132 -7.68 20.23 -26.27
N GLU A 133 -6.91 21.21 -26.65
CA GLU A 133 -6.43 22.17 -25.68
C GLU A 133 -7.27 22.64 -24.52
N ASN A 134 -8.55 22.79 -24.71
CA ASN A 134 -9.45 23.16 -23.62
C ASN A 134 -9.71 22.03 -22.62
N GLU A 135 -9.24 20.83 -22.93
CA GLU A 135 -9.35 19.67 -22.04
C GLU A 135 -8.10 19.52 -21.19
N ILE A 136 -7.08 20.27 -21.53
CA ILE A 136 -5.81 20.19 -20.87
C ILE A 136 -5.64 21.44 -20.01
N THR A 137 -5.59 21.23 -18.70
CA THR A 137 -5.49 22.32 -17.75
C THR A 137 -4.03 22.68 -17.46
N SER A 138 -3.81 23.85 -16.90
CA SER A 138 -2.48 24.19 -16.46
C SER A 138 -2.60 24.73 -15.06
N TYR A 139 -1.69 24.31 -14.20
CA TYR A 139 -1.74 24.76 -12.84
C TYR A 139 -0.49 24.50 -12.07
N ALA A 140 -0.13 25.45 -11.22
CA ALA A 140 0.96 25.27 -10.26
C ALA A 140 0.53 24.32 -9.15
N SER A 141 1.47 23.58 -8.61
CA SER A 141 1.16 22.71 -7.46
C SER A 141 2.19 22.91 -6.39
N PRO A 142 1.75 22.73 -5.15
CA PRO A 142 2.62 22.93 -4.02
C PRO A 142 3.97 22.25 -4.20
N ARG A 143 4.02 21.04 -4.76
CA ARG A 143 5.28 20.27 -4.78
C ARG A 143 6.24 20.72 -5.86
N ASP A 144 5.79 21.59 -6.76
CA ASP A 144 6.61 21.95 -7.92
C ASP A 144 7.98 22.48 -7.53
N ALA A 145 8.03 23.37 -6.55
CA ALA A 145 9.30 23.94 -6.09
C ALA A 145 10.18 22.89 -5.38
N TRP A 146 9.58 21.71 -5.09
CA TRP A 146 10.30 20.67 -4.38
C TRP A 146 10.70 19.54 -5.30
N LEU A 147 10.12 19.49 -6.49
CA LEU A 147 10.54 18.52 -7.49
C LEU A 147 11.73 19.01 -8.31
N TYR A 148 11.76 20.33 -8.54
CA TYR A 148 12.78 20.93 -9.40
C TYR A 148 13.57 22.06 -8.72
N GLU A 149 14.75 22.28 -9.29
CA GLU A 149 15.68 23.37 -8.97
C GLU A 149 15.51 24.53 -9.94
N MET B 1 27.85 -4.78 14.11
CA MET B 1 27.20 -4.87 12.76
C MET B 1 27.28 -3.54 11.95
N GLU B 2 27.58 -3.67 10.64
CA GLU B 2 27.71 -2.51 9.74
C GLU B 2 26.56 -1.48 9.85
N ARG B 3 26.91 -0.20 9.67
CA ARG B 3 26.01 0.94 9.77
C ARG B 3 26.25 1.91 8.65
N THR B 4 25.20 2.60 8.23
CA THR B 4 25.34 3.68 7.29
C THR B 4 24.41 4.85 7.63
N PHE B 5 24.71 6.00 7.03
CA PHE B 5 23.97 7.22 7.29
C PHE B 5 23.05 7.49 6.14
N LEU B 6 21.76 7.64 6.45
CA LEU B 6 20.78 7.98 5.47
C LEU B 6 20.12 9.25 5.92
N MET B 7 19.67 10.03 4.95
CA MET B 7 19.01 11.26 5.24
C MET B 7 17.92 11.46 4.24
N ILE B 8 16.70 11.59 4.73
CA ILE B 8 15.54 11.90 3.91
C ILE B 8 15.59 13.37 3.71
N LYS B 9 15.65 13.77 2.44
CA LYS B 9 15.89 15.17 2.08
C LYS B 9 14.64 16.06 2.14
N PRO B 10 14.82 17.40 2.09
CA PRO B 10 13.67 18.31 2.27
C PRO B 10 12.60 18.17 1.14
N ASP B 11 12.98 17.76 -0.05
CA ASP B 11 11.96 17.53 -1.07
C ASP B 11 11.01 16.40 -0.59
N ALA B 12 11.57 15.33 -0.02
CA ALA B 12 10.75 14.23 0.46
C ALA B 12 9.90 14.63 1.67
N VAL B 13 10.52 15.37 2.57
CA VAL B 13 9.78 15.91 3.71
C VAL B 13 8.63 16.79 3.25
N GLN B 14 8.88 17.71 2.32
CA GLN B 14 7.89 18.66 1.83
C GLN B 14 6.87 18.02 0.88
N ARG B 15 7.17 16.81 0.43
CA ARG B 15 6.23 16.08 -0.39
C ARG B 15 5.46 15.07 0.45
N ASN B 16 5.70 15.12 1.77
CA ASN B 16 5.03 14.25 2.73
C ASN B 16 5.26 12.75 2.50
N LEU B 17 6.48 12.37 2.17
CA LEU B 17 6.86 11.00 1.86
C LEU B 17 7.70 10.33 2.95
N ILE B 18 7.78 10.95 4.13
CA ILE B 18 8.67 10.46 5.17
C ILE B 18 8.38 8.98 5.51
N GLY B 19 7.13 8.68 5.82
CA GLY B 19 6.72 7.32 6.19
C GLY B 19 6.94 6.29 5.08
N GLU B 20 6.57 6.67 3.85
CA GLU B 20 6.77 5.84 2.67
C GLU B 20 8.24 5.44 2.52
N VAL B 21 9.16 6.39 2.69
CA VAL B 21 10.61 6.13 2.51
C VAL B 21 11.12 5.28 3.66
N ILE B 22 10.76 5.64 4.88
CA ILE B 22 11.08 4.78 6.03
C ILE B 22 10.54 3.36 5.83
N SER B 23 9.33 3.23 5.29
CA SER B 23 8.78 1.90 5.03
C SER B 23 9.65 1.09 4.09
N ARG B 24 10.18 1.72 3.07
CA ARG B 24 11.02 1.00 2.13
C ARG B 24 12.28 0.54 2.81
N ILE B 25 12.88 1.42 3.61
CA ILE B 25 14.08 1.05 4.37
C ILE B 25 13.77 -0.09 5.32
N GLU B 26 12.73 0.07 6.09
CA GLU B 26 12.33 -0.89 7.09
C GLU B 26 12.07 -2.30 6.55
N ARG B 27 11.27 -2.40 5.47
CA ARG B 27 10.85 -3.69 4.92
C ARG B 27 12.03 -4.44 4.29
N LYS B 28 13.12 -3.75 3.98
CA LYS B 28 14.26 -4.37 3.39
C LYS B 28 15.02 -5.23 4.41
N GLY B 29 14.82 -4.91 5.70
CA GLY B 29 15.44 -5.67 6.76
C GLY B 29 16.43 -4.84 7.51
N LEU B 30 16.62 -3.60 7.06
CA LEU B 30 17.54 -2.71 7.76
C LEU B 30 16.93 -2.22 9.07
N LYS B 31 17.75 -2.09 10.09
CA LYS B 31 17.34 -1.71 11.42
C LYS B 31 17.62 -0.22 11.68
N LEU B 32 16.56 0.56 11.85
CA LEU B 32 16.69 1.96 12.25
C LEU B 32 17.29 2.08 13.67
N VAL B 33 18.44 2.71 13.77
CA VAL B 33 19.16 2.65 15.01
C VAL B 33 19.37 4.07 15.56
N GLY B 34 19.27 5.05 14.67
CA GLY B 34 19.21 6.44 15.06
C GLY B 34 18.30 7.15 14.09
N GLY B 35 17.56 8.14 14.56
CA GLY B 35 16.61 8.87 13.70
C GLY B 35 16.22 10.20 14.31
N LYS B 36 16.37 11.28 13.57
CA LYS B 36 15.92 12.56 14.11
C LYS B 36 15.48 13.52 13.02
N LEU B 37 14.32 14.16 13.22
CA LEU B 37 13.88 15.22 12.35
C LEU B 37 14.60 16.50 12.79
N MET B 38 15.23 17.17 11.83
CA MET B 38 16.06 18.30 12.18
C MET B 38 16.23 19.34 11.06
N GLN B 39 16.27 20.61 11.47
CA GLN B 39 16.70 21.66 10.58
C GLN B 39 18.20 21.52 10.50
N VAL B 40 18.76 21.55 9.29
CA VAL B 40 20.22 21.39 9.10
C VAL B 40 20.87 22.77 9.23
N PRO B 41 21.75 22.95 10.22
CA PRO B 41 22.44 24.24 10.29
C PRO B 41 23.39 24.42 9.12
N MET B 42 23.55 25.67 8.68
CA MET B 42 24.46 25.99 7.55
C MET B 42 25.84 25.36 7.73
N GLU B 43 26.35 25.50 8.94
CA GLU B 43 27.59 24.91 9.38
C GLU B 43 27.70 23.40 9.02
N LEU B 44 26.67 22.59 9.32
CA LEU B 44 26.65 21.14 9.02
C LEU B 44 26.55 20.86 7.52
N ALA B 45 25.75 21.67 6.83
CA ALA B 45 25.53 21.49 5.42
C ALA B 45 26.85 21.65 4.68
N GLU B 46 27.58 22.67 5.06
CA GLU B 46 28.84 22.98 4.40
C GLU B 46 29.91 21.95 4.62
N THR B 47 30.03 21.45 5.85
CA THR B 47 30.96 20.35 6.07
C THR B 47 30.50 19.03 5.46
N HIS B 48 29.20 18.72 5.57
CA HIS B 48 28.65 17.51 4.94
C HIS B 48 28.96 17.49 3.44
N TYR B 49 28.79 18.64 2.80
CA TYR B 49 28.91 18.73 1.34
C TYR B 49 30.25 19.36 0.88
N GLY B 50 31.16 19.61 1.82
CA GLY B 50 32.54 20.08 1.58
C GLY B 50 33.36 19.57 0.39
N GLU B 51 33.12 18.33 -0.11
CA GLU B 51 33.75 17.82 -1.37
C GLU B 51 33.44 18.73 -2.55
N HIS B 52 32.23 19.28 -2.55
CA HIS B 52 31.64 19.92 -3.71
C HIS B 52 31.82 21.45 -3.67
N GLN B 53 32.61 21.96 -2.72
CA GLN B 53 32.76 23.42 -2.44
C GLN B 53 33.23 24.33 -3.60
N GLY B 54 33.64 23.71 -4.69
CA GLY B 54 34.15 24.46 -5.84
C GLY B 54 33.18 24.44 -6.98
N LYS B 55 32.19 23.62 -6.94
CA LYS B 55 31.55 23.27 -8.13
C LYS B 55 30.41 24.21 -8.39
N PRO B 56 29.88 24.30 -9.64
CA PRO B 56 28.73 25.21 -9.91
C PRO B 56 27.52 24.98 -8.98
N PHE B 57 27.19 23.72 -8.71
CA PHE B 57 25.93 23.32 -8.05
C PHE B 57 25.97 23.42 -6.55
N TYR B 58 27.08 23.95 -6.06
CA TYR B 58 27.35 23.89 -4.65
C TYR B 58 26.42 24.73 -3.81
N ASN B 59 26.25 25.97 -4.19
CA ASN B 59 25.35 26.84 -3.47
C ASN B 59 23.91 26.35 -3.45
N ASP B 60 23.46 25.83 -4.59
CA ASP B 60 22.14 25.24 -4.70
C ASP B 60 21.98 24.06 -3.71
N LEU B 61 23.05 23.25 -3.57
CA LEU B 61 23.10 22.11 -2.61
C LEU B 61 22.89 22.53 -1.18
N ILE B 62 23.50 23.63 -0.87
CA ILE B 62 23.51 24.13 0.48
C ILE B 62 22.18 24.81 0.78
N SER B 63 21.64 25.55 -0.20
CA SER B 63 20.34 26.21 -0.09
C SER B 63 19.25 25.18 0.08
N PHE B 64 19.30 24.15 -0.76
CA PHE B 64 18.25 23.16 -0.78
C PHE B 64 18.26 22.34 0.50
N ILE B 65 19.43 21.93 0.98
CA ILE B 65 19.48 21.04 2.14
C ILE B 65 19.16 21.76 3.44
N THR B 66 19.18 23.10 3.41
CA THR B 66 18.84 23.91 4.59
C THR B 66 17.47 24.54 4.42
N SER B 67 16.77 24.24 3.33
CA SER B 67 15.48 24.91 3.06
C SER B 67 14.27 24.38 3.85
N ALA B 68 14.39 23.18 4.40
CA ALA B 68 13.38 22.65 5.31
C ALA B 68 13.96 21.47 6.05
N PRO B 69 13.24 20.95 7.06
CA PRO B 69 13.93 19.91 7.83
C PRO B 69 14.21 18.69 6.97
N VAL B 70 15.21 17.90 7.37
CA VAL B 70 15.46 16.59 6.82
C VAL B 70 15.23 15.56 7.92
N PHE B 71 15.10 14.28 7.57
CA PHE B 71 15.08 13.22 8.58
C PHE B 71 16.40 12.46 8.52
N ALA B 72 17.22 12.58 9.56
CA ALA B 72 18.57 12.02 9.56
C ALA B 72 18.51 10.66 10.18
N MET B 73 19.24 9.71 9.61
CA MET B 73 19.14 8.32 10.05
C MET B 73 20.44 7.55 10.16
N VAL B 74 20.51 6.67 11.17
CA VAL B 74 21.53 5.66 11.23
C VAL B 74 20.88 4.32 11.10
N VAL B 75 21.34 3.55 10.12
CA VAL B 75 20.69 2.32 9.77
C VAL B 75 21.71 1.16 9.85
N GLU B 76 21.27 0.03 10.37
CA GLU B 76 22.19 -1.06 10.69
C GLU B 76 21.80 -2.35 9.98
N GLY B 77 22.79 -3.10 9.51
CA GLY B 77 22.57 -4.42 8.97
C GLY B 77 23.72 -4.93 8.15
N GLU B 78 23.71 -6.22 7.86
CA GLU B 78 24.83 -6.79 7.11
C GLU B 78 24.93 -6.05 5.79
N ASP B 79 26.11 -5.52 5.48
CA ASP B 79 26.35 -4.86 4.21
C ASP B 79 25.43 -3.64 4.02
N ALA B 80 25.09 -3.00 5.13
CA ALA B 80 24.15 -1.85 5.16
C ALA B 80 24.44 -0.71 4.20
N VAL B 81 25.71 -0.43 3.92
CA VAL B 81 26.07 0.68 3.05
C VAL B 81 25.56 0.36 1.64
N ASN B 82 26.07 -0.73 1.08
CA ASN B 82 25.65 -1.19 -0.25
C ASN B 82 24.16 -1.59 -0.37
N VAL B 83 23.58 -2.09 0.71
CA VAL B 83 22.15 -2.44 0.72
C VAL B 83 21.24 -1.21 0.58
N SER B 84 21.62 -0.15 1.28
CA SER B 84 20.96 1.14 1.19
C SER B 84 21.17 1.73 -0.16
N ARG B 85 22.38 1.68 -0.69
CA ARG B 85 22.61 2.28 -2.02
C ARG B 85 21.76 1.59 -3.08
N HIS B 86 21.55 0.31 -2.85
CA HIS B 86 20.89 -0.56 -3.77
C HIS B 86 19.42 -0.27 -3.83
N ILE B 87 18.78 -0.14 -2.66
CA ILE B 87 17.35 0.20 -2.64
C ILE B 87 17.09 1.69 -2.89
N ILE B 88 18.10 2.53 -2.69
CA ILE B 88 17.96 3.96 -2.95
C ILE B 88 17.94 4.18 -4.46
N GLY B 89 18.88 3.54 -5.17
CA GLY B 89 19.02 3.66 -6.63
C GLY B 89 20.00 4.74 -7.02
N SER B 90 20.31 4.80 -8.31
CA SER B 90 21.28 5.75 -8.90
C SER B 90 20.99 7.18 -8.53
N THR B 91 22.04 8.02 -8.55
CA THR B 91 21.94 9.44 -8.22
C THR B 91 20.84 10.10 -9.03
N ASN B 92 20.79 9.76 -10.32
CA ASN B 92 19.80 10.34 -11.21
C ASN B 92 18.55 9.47 -11.25
N PRO B 93 17.44 9.97 -10.68
CA PRO B 93 16.22 9.19 -10.60
C PRO B 93 15.76 8.67 -11.95
N SER B 94 16.22 9.24 -13.06
CA SER B 94 15.79 8.72 -14.37
C SER B 94 16.62 7.52 -14.81
N GLU B 95 17.78 7.35 -14.17
CA GLU B 95 18.61 6.14 -14.33
C GLU B 95 18.33 5.09 -13.25
N ALA B 96 17.83 5.51 -12.10
CA ALA B 96 17.55 4.59 -11.03
C ALA B 96 16.53 3.53 -11.43
N SER B 97 16.73 2.34 -10.93
CA SER B 97 15.85 1.27 -11.28
C SER B 97 14.43 1.52 -10.77
N PRO B 98 13.42 1.18 -11.60
CA PRO B 98 12.08 1.26 -11.04
C PRO B 98 12.06 0.33 -9.82
N GLY B 99 11.26 0.65 -8.81
CA GLY B 99 11.29 -0.11 -7.56
C GLY B 99 12.23 0.47 -6.51
N SER B 100 13.23 1.24 -6.94
CA SER B 100 14.10 1.91 -5.97
C SER B 100 13.39 3.19 -5.51
N ILE B 101 13.86 3.76 -4.41
CA ILE B 101 13.28 4.95 -3.86
C ILE B 101 13.34 6.07 -4.90
N ARG B 102 14.51 6.28 -5.48
CA ARG B 102 14.68 7.36 -6.47
C ARG B 102 13.95 7.05 -7.77
N GLY B 103 13.93 5.79 -8.14
CA GLY B 103 13.30 5.36 -9.37
C GLY B 103 11.80 5.55 -9.32
N ASP B 104 11.19 5.36 -8.14
CA ASP B 104 9.75 5.48 -8.01
C ASP B 104 9.34 6.90 -7.64
N LEU B 105 10.18 7.58 -6.84
CA LEU B 105 9.75 8.82 -6.23
C LEU B 105 10.34 10.13 -6.74
N GLY B 106 11.54 10.09 -7.33
CA GLY B 106 12.21 11.33 -7.73
C GLY B 106 12.18 11.62 -9.21
N LEU B 107 12.45 12.88 -9.58
CA LEU B 107 12.62 13.26 -11.00
C LEU B 107 14.04 13.73 -11.38
N THR B 108 14.64 14.59 -10.55
CA THR B 108 15.90 15.20 -10.92
C THR B 108 16.98 14.88 -9.92
N VAL B 109 18.20 14.97 -10.41
CA VAL B 109 19.40 14.72 -9.64
C VAL B 109 19.43 15.59 -8.40
N GLY B 110 18.98 16.83 -8.53
CA GLY B 110 19.08 17.79 -7.43
C GLY B 110 18.00 17.55 -6.41
N ARG B 111 16.94 16.86 -6.81
CA ARG B 111 15.80 16.66 -5.93
C ARG B 111 15.50 15.20 -5.88
N ASN B 112 16.38 14.44 -5.24
CA ASN B 112 16.34 13.00 -5.35
C ASN B 112 16.00 12.27 -4.05
N ILE B 113 15.19 12.91 -3.21
CA ILE B 113 14.50 12.22 -2.11
C ILE B 113 15.33 11.85 -0.89
N ILE B 114 16.48 11.22 -1.09
CA ILE B 114 17.23 10.66 0.03
C ILE B 114 18.73 10.64 -0.26
N HIS B 115 19.55 10.73 0.79
CA HIS B 115 20.97 10.50 0.69
C HIS B 115 21.34 9.23 1.43
N GLY B 116 22.29 8.49 0.87
CA GLY B 116 22.95 7.41 1.60
C GLY B 116 24.47 7.48 1.44
N SER B 117 25.20 7.13 2.49
CA SER B 117 26.66 7.15 2.44
C SER B 117 27.17 6.31 1.25
N ASP B 118 28.15 6.83 0.51
CA ASP B 118 28.64 6.13 -0.66
C ASP B 118 29.63 4.99 -0.33
N SER B 119 30.20 4.97 0.88
CA SER B 119 31.21 3.95 1.22
C SER B 119 31.27 3.77 2.70
N LEU B 120 31.96 2.72 3.12
CA LEU B 120 32.27 2.53 4.52
C LEU B 120 32.97 3.74 5.17
N GLU B 121 34.01 4.30 4.50
CA GLU B 121 34.74 5.47 4.99
C GLU B 121 33.79 6.62 5.29
N SER B 122 33.00 7.01 4.29
CA SER B 122 32.13 8.17 4.43
C SER B 122 30.88 7.92 5.27
N ALA B 123 30.48 6.65 5.40
CA ALA B 123 29.49 6.27 6.42
C ALA B 123 29.98 6.64 7.81
N GLU B 124 31.11 6.11 8.19
CA GLU B 124 31.77 6.40 9.41
C GLU B 124 31.89 7.90 9.66
N ARG B 125 32.06 8.63 8.61
CA ARG B 125 32.32 10.06 8.61
C ARG B 125 31.04 10.86 8.85
N GLU B 126 30.02 10.46 8.11
CA GLU B 126 28.70 11.05 8.18
C GLU B 126 28.00 10.71 9.48
N ILE B 127 28.12 9.46 9.92
CA ILE B 127 27.53 9.07 11.21
C ILE B 127 28.05 9.95 12.33
N ASN B 128 29.35 10.17 12.33
CA ASN B 128 29.99 11.01 13.31
C ASN B 128 29.64 12.48 13.26
N LEU B 129 29.54 12.99 12.04
CA LEU B 129 29.16 14.37 11.80
C LEU B 129 27.75 14.68 12.27
N TRP B 130 26.81 13.77 12.00
CA TRP B 130 25.38 14.05 12.25
C TRP B 130 24.85 13.62 13.58
N PHE B 131 25.42 12.58 14.18
CA PHE B 131 24.90 12.01 15.42
C PHE B 131 25.96 11.92 16.49
N ASN B 132 25.51 11.96 17.75
CA ASN B 132 26.35 11.64 18.89
C ASN B 132 26.07 10.22 19.33
N GLU B 133 27.10 9.58 19.86
CA GLU B 133 27.05 8.22 20.37
C GLU B 133 25.75 7.92 21.10
N ASN B 134 25.33 8.84 21.97
CA ASN B 134 24.15 8.64 22.80
C ASN B 134 22.79 8.83 22.08
N GLU B 135 22.85 9.25 20.81
CA GLU B 135 21.66 9.34 19.96
C GLU B 135 21.45 8.05 19.14
N ILE B 136 22.41 7.15 19.18
CA ILE B 136 22.34 5.94 18.41
C ILE B 136 22.14 4.77 19.37
N THR B 137 20.99 4.12 19.26
CA THR B 137 20.63 3.05 20.18
C THR B 137 21.11 1.71 19.63
N SER B 138 21.18 0.71 20.49
CA SER B 138 21.55 -0.63 20.05
C SER B 138 20.52 -1.58 20.61
N TYR B 139 19.97 -2.45 19.77
CA TYR B 139 18.95 -3.37 20.26
C TYR B 139 18.79 -4.53 19.32
N ALA B 140 18.54 -5.70 19.92
CA ALA B 140 18.04 -6.89 19.23
C ALA B 140 16.59 -6.73 18.78
N SER B 141 16.25 -7.34 17.65
CA SER B 141 14.87 -7.36 17.21
C SER B 141 14.46 -8.78 16.92
N PRO B 142 13.18 -9.09 17.10
CA PRO B 142 12.63 -10.40 16.78
C PRO B 142 13.07 -10.94 15.41
N ARG B 143 13.05 -10.12 14.37
CA ARG B 143 13.34 -10.60 13.02
C ARG B 143 14.80 -10.88 12.73
N ASP B 144 15.71 -10.44 13.62
CA ASP B 144 17.17 -10.58 13.40
C ASP B 144 17.62 -12.02 13.08
N ALA B 145 17.06 -12.99 13.81
CA ALA B 145 17.39 -14.39 13.58
C ALA B 145 16.80 -14.93 12.26
N TRP B 146 15.89 -14.15 11.67
CA TRP B 146 15.25 -14.53 10.41
C TRP B 146 15.77 -13.76 9.21
N LEU B 147 16.54 -12.71 9.45
CA LEU B 147 17.24 -12.02 8.37
C LEU B 147 18.58 -12.70 8.01
N TYR B 148 19.23 -13.26 9.03
CA TYR B 148 20.61 -13.73 8.93
C TYR B 148 20.72 -15.12 9.54
N GLU B 149 21.82 -15.80 9.19
CA GLU B 149 22.23 -17.07 9.80
C GLU B 149 23.31 -16.76 10.83
N MET C 1 -2.26 -24.94 -19.28
CA MET C 1 -1.45 -23.70 -19.06
C MET C 1 -0.30 -23.90 -18.06
N GLU C 2 0.84 -23.30 -18.35
CA GLU C 2 2.05 -23.52 -17.57
C GLU C 2 1.87 -23.30 -16.04
N ARG C 3 2.54 -24.12 -15.24
CA ARG C 3 2.49 -24.06 -13.78
C ARG C 3 3.88 -24.11 -13.20
N THR C 4 4.06 -23.42 -12.07
CA THR C 4 5.32 -23.51 -11.32
C THR C 4 5.06 -23.68 -9.81
N PHE C 5 6.06 -24.11 -9.07
CA PHE C 5 5.94 -24.29 -7.65
C PHE C 5 6.67 -23.17 -6.99
N LEU C 6 5.94 -22.48 -6.10
CA LEU C 6 6.48 -21.39 -5.30
C LEU C 6 6.31 -21.74 -3.86
N MET C 7 7.21 -21.28 -3.02
CA MET C 7 7.10 -21.52 -1.61
C MET C 7 7.59 -20.31 -0.82
N ILE C 8 6.68 -19.73 -0.03
CA ILE C 8 7.03 -18.68 0.91
C ILE C 8 7.76 -19.30 2.10
N LYS C 9 8.99 -18.88 2.29
CA LYS C 9 9.86 -19.57 3.23
C LYS C 9 9.59 -19.11 4.68
N PRO C 10 10.19 -19.81 5.67
CA PRO C 10 9.94 -19.54 7.08
C PRO C 10 10.38 -18.15 7.54
N ASP C 11 11.40 -17.57 6.94
CA ASP C 11 11.76 -16.19 7.23
C ASP C 11 10.60 -15.24 6.88
N ALA C 12 9.95 -15.41 5.74
CA ALA C 12 8.81 -14.55 5.39
C ALA C 12 7.60 -14.79 6.30
N VAL C 13 7.35 -16.05 6.62
CA VAL C 13 6.28 -16.41 7.51
C VAL C 13 6.48 -15.76 8.88
N GLN C 14 7.70 -15.85 9.40
CA GLN C 14 8.02 -15.35 10.73
C GLN C 14 8.18 -13.85 10.75
N ARG C 15 8.30 -13.24 9.58
CA ARG C 15 8.33 -11.78 9.49
C ARG C 15 6.94 -11.25 9.17
N ASN C 16 5.96 -12.16 9.07
CA ASN C 16 4.60 -11.79 8.81
C ASN C 16 4.41 -11.12 7.45
N LEU C 17 5.10 -11.65 6.43
CA LEU C 17 5.01 -11.17 5.07
C LEU C 17 4.25 -12.07 4.12
N ILE C 18 3.46 -13.00 4.63
CA ILE C 18 2.72 -13.91 3.76
C ILE C 18 1.81 -13.16 2.78
N GLY C 19 0.96 -12.27 3.30
CA GLY C 19 -0.03 -11.56 2.48
C GLY C 19 0.61 -10.66 1.44
N GLU C 20 1.68 -10.01 1.86
CA GLU C 20 2.41 -9.09 0.99
C GLU C 20 3.01 -9.85 -0.22
N VAL C 21 3.56 -11.02 0.04
CA VAL C 21 4.20 -11.82 -1.00
C VAL C 21 3.15 -12.41 -1.93
N ILE C 22 2.07 -12.97 -1.38
CA ILE C 22 0.94 -13.35 -2.21
C ILE C 22 0.43 -12.18 -3.07
N SER C 23 0.24 -11.01 -2.48
CA SER C 23 -0.23 -9.85 -3.23
C SER C 23 0.61 -9.56 -4.48
N ARG C 24 1.92 -9.66 -4.35
CA ARG C 24 2.78 -9.39 -5.48
C ARG C 24 2.62 -10.46 -6.58
N ILE C 25 2.46 -11.73 -6.17
CA ILE C 25 2.25 -12.83 -7.11
C ILE C 25 0.92 -12.62 -7.84
N GLU C 26 -0.14 -12.41 -7.07
CA GLU C 26 -1.50 -12.16 -7.54
C GLU C 26 -1.58 -11.00 -8.52
N ARG C 27 -1.01 -9.83 -8.18
CA ARG C 27 -1.19 -8.62 -9.00
C ARG C 27 -0.46 -8.73 -10.35
N LYS C 28 0.49 -9.65 -10.42
CA LYS C 28 1.24 -9.88 -11.63
C LYS C 28 0.40 -10.56 -12.69
N GLY C 29 -0.68 -11.24 -12.26
CA GLY C 29 -1.60 -11.90 -13.18
C GLY C 29 -1.52 -13.43 -13.04
N LEU C 30 -0.58 -13.91 -12.22
CA LEU C 30 -0.49 -15.34 -11.93
C LEU C 30 -1.69 -15.80 -11.10
N LYS C 31 -2.18 -16.98 -11.44
CA LYS C 31 -3.33 -17.59 -10.80
C LYS C 31 -2.88 -18.60 -9.74
N LEU C 32 -3.22 -18.33 -8.49
CA LEU C 32 -3.03 -19.28 -7.40
C LEU C 32 -3.92 -20.50 -7.61
N VAL C 33 -3.31 -21.66 -7.77
CA VAL C 33 -4.09 -22.80 -8.17
C VAL C 33 -4.00 -23.91 -7.11
N GLY C 34 -2.97 -23.82 -6.27
CA GLY C 34 -2.84 -24.69 -5.13
C GLY C 34 -2.11 -23.89 -4.07
N GLY C 35 -2.36 -24.19 -2.80
CA GLY C 35 -1.73 -23.43 -1.71
C GLY C 35 -2.04 -24.01 -0.34
N LYS C 36 -1.00 -24.23 0.45
CA LYS C 36 -1.18 -24.75 1.79
C LYS C 36 -0.08 -24.34 2.74
N LEU C 37 -0.47 -23.89 3.91
CA LEU C 37 0.49 -23.64 4.97
C LEU C 37 0.83 -24.99 5.59
N MET C 38 2.11 -25.26 5.76
CA MET C 38 2.56 -26.56 6.19
C MET C 38 3.93 -26.55 6.84
N GLN C 39 4.05 -27.37 7.88
CA GLN C 39 5.34 -27.69 8.44
C GLN C 39 6.03 -28.64 7.44
N VAL C 40 7.29 -28.40 7.09
CA VAL C 40 7.97 -29.20 6.08
C VAL C 40 8.64 -30.37 6.75
N PRO C 41 8.18 -31.61 6.48
CA PRO C 41 8.85 -32.77 7.11
C PRO C 41 10.30 -32.87 6.63
N MET C 42 11.15 -33.37 7.52
CA MET C 42 12.59 -33.54 7.18
C MET C 42 12.86 -34.19 5.78
N GLU C 43 12.14 -35.18 5.37
CA GLU C 43 12.49 -35.84 4.14
C GLU C 43 12.04 -35.09 2.91
N LEU C 44 10.93 -34.38 3.05
CA LEU C 44 10.54 -33.48 1.99
C LEU C 44 11.65 -32.45 1.79
N ALA C 45 12.19 -31.96 2.91
CA ALA C 45 13.21 -30.93 2.82
C ALA C 45 14.46 -31.48 2.12
N GLU C 46 14.89 -32.67 2.54
CA GLU C 46 16.08 -33.32 1.97
C GLU C 46 15.89 -33.68 0.51
N THR C 47 14.72 -34.22 0.16
CA THR C 47 14.54 -34.52 -1.28
C THR C 47 14.37 -33.25 -2.14
N HIS C 48 13.71 -32.23 -1.58
CA HIS C 48 13.54 -30.95 -2.29
C HIS C 48 14.88 -30.27 -2.54
N TYR C 49 15.78 -30.38 -1.56
CA TYR C 49 17.06 -29.71 -1.68
C TYR C 49 18.26 -30.61 -1.96
N GLY C 50 18.12 -31.89 -2.30
CA GLY C 50 19.32 -32.70 -2.26
C GLY C 50 20.35 -32.28 -3.30
N GLU C 51 19.97 -31.66 -4.41
CA GLU C 51 21.02 -31.17 -5.31
C GLU C 51 22.20 -30.61 -4.50
N HIS C 52 21.88 -30.08 -3.32
CA HIS C 52 22.88 -29.39 -2.51
C HIS C 52 23.45 -30.21 -1.39
N GLN C 53 23.19 -31.50 -1.34
CA GLN C 53 23.56 -32.24 -0.15
C GLN C 53 25.04 -32.12 0.20
N GLY C 54 25.89 -32.07 -0.80
CA GLY C 54 27.31 -32.10 -0.52
C GLY C 54 27.84 -30.79 0.02
N LYS C 55 27.17 -29.70 -0.35
CA LYS C 55 27.68 -28.35 -0.09
C LYS C 55 27.67 -27.91 1.38
N PRO C 56 28.65 -27.06 1.79
CA PRO C 56 28.77 -26.57 3.15
C PRO C 56 27.46 -26.06 3.74
N PHE C 57 26.79 -25.16 3.03
CA PHE C 57 25.54 -24.60 3.55
C PHE C 57 24.37 -25.61 3.77
N TYR C 58 24.51 -26.85 3.30
CA TYR C 58 23.37 -27.81 3.25
C TYR C 58 22.61 -27.96 4.57
N ASN C 59 23.33 -28.26 5.64
CA ASN C 59 22.68 -28.45 6.87
C ASN C 59 22.04 -27.28 7.53
N ASP C 60 22.43 -26.14 7.07
CA ASP C 60 21.75 -24.90 7.44
C ASP C 60 20.44 -24.71 6.66
N LEU C 61 20.48 -25.03 5.36
CA LEU C 61 19.33 -24.92 4.48
C LEU C 61 18.19 -25.82 4.94
N ILE C 62 18.51 -27.05 5.40
CA ILE C 62 17.55 -28.04 5.89
C ILE C 62 16.98 -27.62 7.25
N SER C 63 17.83 -27.10 8.13
CA SER C 63 17.39 -26.59 9.45
C SER C 63 16.46 -25.39 9.31
N PHE C 64 16.84 -24.50 8.41
CA PHE C 64 16.07 -23.31 8.17
C PHE C 64 14.68 -23.63 7.60
N ILE C 65 14.63 -24.48 6.58
CA ILE C 65 13.37 -24.76 5.88
C ILE C 65 12.42 -25.59 6.75
N THR C 66 12.93 -26.22 7.79
CA THR C 66 12.08 -27.01 8.68
C THR C 66 11.87 -26.31 10.01
N SER C 67 12.38 -25.09 10.16
CA SER C 67 12.31 -24.35 11.44
C SER C 67 10.95 -23.72 11.75
N ALA C 68 10.10 -23.52 10.74
CA ALA C 68 8.72 -23.00 10.93
C ALA C 68 7.93 -23.23 9.64
N PRO C 69 6.60 -23.10 9.68
CA PRO C 69 5.83 -23.43 8.49
C PRO C 69 6.20 -22.60 7.27
N VAL C 70 5.94 -23.17 6.10
CA VAL C 70 6.17 -22.46 4.86
C VAL C 70 4.82 -22.40 4.17
N PHE C 71 4.66 -21.52 3.17
CA PHE C 71 3.40 -21.52 2.43
C PHE C 71 3.66 -22.03 1.03
N ALA C 72 3.24 -23.25 0.80
CA ALA C 72 3.56 -23.93 -0.46
C ALA C 72 2.51 -23.56 -1.52
N MET C 73 2.95 -23.31 -2.76
CA MET C 73 2.03 -22.83 -3.81
C MET C 73 2.24 -23.50 -5.14
N VAL C 74 1.13 -23.74 -5.84
CA VAL C 74 1.17 -23.93 -7.27
C VAL C 74 0.49 -22.76 -7.96
N VAL C 75 1.16 -22.21 -8.97
CA VAL C 75 0.81 -20.94 -9.60
C VAL C 75 0.79 -21.17 -11.11
N GLU C 76 -0.21 -20.58 -11.77
CA GLU C 76 -0.50 -20.88 -13.17
C GLU C 76 -0.56 -19.60 -14.02
N GLY C 77 0.00 -19.68 -15.22
CA GLY C 77 -0.02 -18.61 -16.16
C GLY C 77 0.92 -18.82 -17.33
N GLU C 78 0.70 -18.06 -18.40
CA GLU C 78 1.60 -18.12 -19.53
C GLU C 78 3.00 -17.83 -19.03
N ASP C 79 3.93 -18.71 -19.36
CA ASP C 79 5.35 -18.54 -19.04
C ASP C 79 5.59 -18.40 -17.52
N ALA C 80 4.70 -19.02 -16.72
CA ALA C 80 4.68 -18.89 -15.26
C ALA C 80 6.02 -19.10 -14.54
N VAL C 81 6.82 -20.04 -15.02
CA VAL C 81 8.11 -20.33 -14.38
C VAL C 81 9.01 -19.09 -14.46
N ASN C 82 9.22 -18.59 -15.68
CA ASN C 82 10.07 -17.42 -15.83
C ASN C 82 9.44 -16.16 -15.23
N VAL C 83 8.11 -16.05 -15.28
CA VAL C 83 7.46 -14.88 -14.72
C VAL C 83 7.73 -14.79 -13.23
N SER C 84 7.55 -15.92 -12.57
CA SER C 84 7.81 -16.02 -11.15
C SER C 84 9.24 -15.66 -10.85
N ARG C 85 10.18 -16.21 -11.61
CA ARG C 85 11.56 -15.96 -11.30
C ARG C 85 11.85 -14.47 -11.44
N HIS C 86 11.26 -13.87 -12.47
CA HIS C 86 11.35 -12.45 -12.77
C HIS C 86 10.86 -11.59 -11.58
N ILE C 87 9.66 -11.84 -11.07
CA ILE C 87 9.18 -11.02 -9.98
C ILE C 87 9.77 -11.39 -8.64
N ILE C 88 10.30 -12.58 -8.53
CA ILE C 88 11.03 -12.97 -7.32
C ILE C 88 12.39 -12.29 -7.24
N GLY C 89 13.08 -12.18 -8.38
CA GLY C 89 14.43 -11.60 -8.42
C GLY C 89 15.57 -12.55 -8.10
N SER C 90 16.81 -12.07 -8.30
CA SER C 90 18.03 -12.90 -8.14
C SER C 90 18.11 -13.57 -6.78
N THR C 91 18.83 -14.68 -6.74
CA THR C 91 19.02 -15.45 -5.52
C THR C 91 19.48 -14.58 -4.35
N ASN C 92 20.46 -13.73 -4.62
CA ASN C 92 20.97 -12.82 -3.64
C ASN C 92 20.17 -11.54 -3.66
N PRO C 93 19.38 -11.29 -2.59
CA PRO C 93 18.54 -10.09 -2.50
C PRO C 93 19.29 -8.78 -2.70
N SER C 94 20.60 -8.74 -2.45
CA SER C 94 21.37 -7.53 -2.74
C SER C 94 21.70 -7.39 -4.23
N GLU C 95 21.54 -8.45 -5.00
CA GLU C 95 21.61 -8.35 -6.48
C GLU C 95 20.25 -8.20 -7.13
N ALA C 96 19.20 -8.61 -6.41
CA ALA C 96 17.86 -8.64 -6.98
C ALA C 96 17.43 -7.22 -7.23
N SER C 97 16.82 -7.00 -8.37
CA SER C 97 16.31 -5.69 -8.72
C SER C 97 15.34 -5.13 -7.65
N PRO C 98 15.52 -3.86 -7.30
CA PRO C 98 14.46 -3.20 -6.51
C PRO C 98 13.12 -3.41 -7.21
N GLY C 99 12.04 -3.52 -6.43
CA GLY C 99 10.75 -3.86 -7.02
C GLY C 99 10.44 -5.37 -7.01
N SER C 100 11.47 -6.21 -6.96
CA SER C 100 11.25 -7.66 -6.87
C SER C 100 11.06 -8.06 -5.42
N ILE C 101 10.45 -9.20 -5.20
CA ILE C 101 10.21 -9.67 -3.85
C ILE C 101 11.53 -9.70 -3.07
N ARG C 102 12.57 -10.30 -3.63
CA ARG C 102 13.82 -10.39 -2.87
C ARG C 102 14.53 -9.04 -2.80
N GLY C 103 14.42 -8.25 -3.88
CA GLY C 103 15.00 -6.92 -3.89
C GLY C 103 14.40 -6.01 -2.83
N ASP C 104 13.07 -6.03 -2.66
CA ASP C 104 12.41 -5.17 -1.64
C ASP C 104 12.44 -5.74 -0.23
N LEU C 105 12.42 -7.07 -0.08
CA LEU C 105 12.12 -7.69 1.24
C LEU C 105 13.25 -8.43 1.94
N GLY C 106 14.23 -8.92 1.18
CA GLY C 106 15.27 -9.77 1.76
C GLY C 106 16.63 -9.12 1.93
N LEU C 107 17.47 -9.73 2.77
CA LEU C 107 18.88 -9.26 2.92
C LEU C 107 19.92 -10.23 2.40
N THR C 108 19.75 -11.50 2.78
CA THR C 108 20.79 -12.51 2.56
C THR C 108 20.32 -13.66 1.71
N VAL C 109 21.29 -14.27 1.06
CA VAL C 109 21.08 -15.41 0.20
C VAL C 109 20.27 -16.53 0.94
N GLY C 110 20.68 -16.83 2.17
CA GLY C 110 20.08 -17.90 2.95
C GLY C 110 18.69 -17.59 3.46
N ARG C 111 18.37 -16.30 3.59
CA ARG C 111 17.08 -15.86 4.09
C ARG C 111 16.34 -15.01 3.05
N ASN C 112 15.94 -15.64 1.97
CA ASN C 112 15.52 -14.85 0.82
C ASN C 112 14.02 -14.97 0.47
N ILE C 113 13.22 -15.08 1.50
CA ILE C 113 11.79 -14.89 1.38
C ILE C 113 11.00 -16.00 0.69
N ILE C 114 11.44 -16.44 -0.48
CA ILE C 114 10.59 -17.28 -1.33
C ILE C 114 11.43 -18.18 -2.23
N HIS C 115 10.85 -19.30 -2.66
CA HIS C 115 11.48 -20.18 -3.59
C HIS C 115 10.60 -20.25 -4.79
N GLY C 116 11.24 -20.29 -5.96
CA GLY C 116 10.51 -20.58 -7.22
C GLY C 116 11.25 -21.63 -8.00
N SER C 117 10.52 -22.50 -8.69
CA SER C 117 11.17 -23.49 -9.56
C SER C 117 12.06 -22.81 -10.59
N ASP C 118 13.25 -23.39 -10.80
CA ASP C 118 14.21 -22.76 -11.68
C ASP C 118 14.00 -23.11 -13.15
N SER C 119 13.14 -24.09 -13.44
CA SER C 119 12.90 -24.49 -14.83
C SER C 119 11.61 -25.25 -14.93
N LEU C 120 11.16 -25.44 -16.16
CA LEU C 120 10.04 -26.29 -16.45
C LEU C 120 10.13 -27.70 -15.83
N GLU C 121 11.32 -28.30 -15.89
CA GLU C 121 11.53 -29.67 -15.45
C GLU C 121 11.45 -29.75 -13.93
N SER C 122 12.15 -28.85 -13.27
CA SER C 122 12.09 -28.86 -11.81
C SER C 122 10.72 -28.39 -11.28
N ALA C 123 9.96 -27.66 -12.11
CA ALA C 123 8.63 -27.26 -11.72
C ALA C 123 7.78 -28.51 -11.61
N GLU C 124 7.79 -29.36 -12.64
CA GLU C 124 6.94 -30.55 -12.59
C GLU C 124 7.37 -31.50 -11.50
N ARG C 125 8.67 -31.57 -11.24
CA ARG C 125 9.13 -32.34 -10.11
C ARG C 125 8.66 -31.76 -8.78
N GLU C 126 8.87 -30.45 -8.60
CA GLU C 126 8.54 -29.80 -7.35
C GLU C 126 7.05 -29.82 -7.06
N ILE C 127 6.24 -29.55 -8.09
CA ILE C 127 4.79 -29.62 -7.93
C ILE C 127 4.42 -31.01 -7.50
N ASN C 128 5.02 -32.02 -8.12
CA ASN C 128 4.71 -33.42 -7.80
C ASN C 128 5.12 -33.83 -6.40
N LEU C 129 6.23 -33.31 -5.94
CA LEU C 129 6.79 -33.65 -4.66
C LEU C 129 5.91 -33.07 -3.55
N TRP C 130 5.45 -31.83 -3.74
CA TRP C 130 4.77 -31.08 -2.69
C TRP C 130 3.24 -31.22 -2.68
N PHE C 131 2.64 -31.51 -3.79
CA PHE C 131 1.18 -31.51 -3.89
C PHE C 131 0.71 -32.82 -4.51
N ASN C 132 -0.50 -33.23 -4.17
CA ASN C 132 -1.22 -34.25 -4.92
C ASN C 132 -2.22 -33.60 -5.90
N GLU C 133 -2.50 -34.30 -7.00
CA GLU C 133 -3.42 -33.87 -8.05
C GLU C 133 -4.67 -33.20 -7.45
N ASN C 134 -5.18 -33.79 -6.39
CA ASN C 134 -6.45 -33.36 -5.82
C ASN C 134 -6.38 -32.08 -4.96
N GLU C 135 -5.16 -31.60 -4.69
CA GLU C 135 -4.92 -30.38 -3.91
C GLU C 135 -4.78 -29.19 -4.84
N ILE C 136 -4.64 -29.46 -6.13
CA ILE C 136 -4.49 -28.44 -7.14
C ILE C 136 -5.79 -28.31 -7.91
N THR C 137 -6.43 -27.15 -7.76
CA THR C 137 -7.72 -26.83 -8.39
C THR C 137 -7.55 -26.26 -9.81
N SER C 138 -8.62 -26.22 -10.56
CA SER C 138 -8.58 -25.67 -11.90
C SER C 138 -9.80 -24.81 -12.04
N TYR C 139 -9.63 -23.59 -12.50
CA TYR C 139 -10.74 -22.67 -12.60
C TYR C 139 -10.44 -21.50 -13.51
N ALA C 140 -11.45 -21.11 -14.27
CA ALA C 140 -11.42 -19.85 -15.02
C ALA C 140 -11.56 -18.65 -14.07
N SER C 141 -10.94 -17.54 -14.43
CA SER C 141 -11.14 -16.31 -13.66
C SER C 141 -11.55 -15.18 -14.58
N PRO C 142 -12.33 -14.22 -14.04
CA PRO C 142 -12.81 -13.10 -14.82
C PRO C 142 -11.66 -12.40 -15.59
N ARG C 143 -10.50 -12.24 -14.98
CA ARG C 143 -9.40 -11.49 -15.62
C ARG C 143 -8.67 -12.25 -16.74
N ASP C 144 -8.86 -13.57 -16.82
CA ASP C 144 -8.17 -14.38 -17.82
C ASP C 144 -8.24 -13.79 -19.26
N ALA C 145 -9.42 -13.31 -19.66
CA ALA C 145 -9.59 -12.78 -21.00
C ALA C 145 -8.92 -11.42 -21.13
N TRP C 146 -8.47 -10.87 -20.01
CA TRP C 146 -7.83 -9.56 -20.01
C TRP C 146 -6.33 -9.66 -19.78
N LEU C 147 -5.87 -10.85 -19.40
CA LEU C 147 -4.43 -11.08 -19.24
C LEU C 147 -3.79 -11.51 -20.57
N TYR C 148 -4.57 -12.27 -21.32
CA TYR C 148 -4.11 -12.92 -22.51
C TYR C 148 -5.06 -12.62 -23.66
N GLU C 149 -4.54 -12.90 -24.85
CA GLU C 149 -5.28 -12.74 -26.09
C GLU C 149 -5.19 -14.01 -26.92
N MET D 1 -28.45 0.33 -13.80
CA MET D 1 -27.89 0.24 -12.39
C MET D 1 -27.63 1.64 -11.83
N GLU D 2 -27.85 1.81 -10.52
CA GLU D 2 -27.63 3.09 -9.83
C GLU D 2 -26.27 3.77 -10.11
N ARG D 3 -26.31 5.11 -10.18
CA ARG D 3 -25.13 5.96 -10.42
C ARG D 3 -25.10 7.16 -9.48
N THR D 4 -23.91 7.63 -9.17
CA THR D 4 -23.75 8.83 -8.37
C THR D 4 -22.63 9.66 -8.94
N PHE D 5 -22.59 10.92 -8.52
CA PHE D 5 -21.57 11.82 -8.93
C PHE D 5 -20.59 12.00 -7.77
N LEU D 6 -19.32 11.72 -8.04
CA LEU D 6 -18.23 12.01 -7.13
C LEU D 6 -17.30 13.01 -7.77
N MET D 7 -16.61 13.78 -6.94
CA MET D 7 -15.66 14.74 -7.41
C MET D 7 -14.50 14.80 -6.43
N ILE D 8 -13.30 14.57 -6.93
CA ILE D 8 -12.08 14.73 -6.14
C ILE D 8 -11.75 16.19 -6.12
N LYS D 9 -11.73 16.78 -4.94
CA LYS D 9 -11.64 18.22 -4.80
C LYS D 9 -10.20 18.74 -4.93
N PRO D 10 -10.01 20.07 -5.07
CA PRO D 10 -8.71 20.62 -5.37
C PRO D 10 -7.68 20.35 -4.30
N ASP D 11 -8.10 20.28 -3.03
CA ASP D 11 -7.15 19.92 -1.99
C ASP D 11 -6.49 18.57 -2.29
N ALA D 12 -7.29 17.54 -2.58
CA ALA D 12 -6.76 16.24 -2.90
C ALA D 12 -5.89 16.24 -4.16
N VAL D 13 -6.31 16.99 -5.18
CA VAL D 13 -5.55 17.11 -6.41
C VAL D 13 -4.19 17.74 -6.13
N GLN D 14 -4.17 18.80 -5.32
CA GLN D 14 -2.97 19.56 -5.00
C GLN D 14 -2.16 18.85 -3.94
N ARG D 15 -2.74 17.83 -3.31
CA ARG D 15 -2.00 17.01 -2.37
C ARG D 15 -1.53 15.72 -3.04
N ASN D 16 -1.81 15.61 -4.34
CA ASN D 16 -1.35 14.48 -5.18
C ASN D 16 -1.93 13.14 -4.72
N LEU D 17 -3.21 13.18 -4.52
CA LEU D 17 -3.89 12.03 -3.90
C LEU D 17 -4.98 11.49 -4.81
N ILE D 18 -4.86 11.83 -6.09
CA ILE D 18 -5.85 11.41 -7.06
C ILE D 18 -5.96 9.89 -7.17
N GLY D 19 -4.80 9.25 -7.35
CA GLY D 19 -4.72 7.80 -7.54
C GLY D 19 -5.20 7.04 -6.33
N GLU D 20 -4.78 7.53 -5.15
CA GLU D 20 -5.16 6.94 -3.84
C GLU D 20 -6.68 6.93 -3.66
N VAL D 21 -7.34 8.03 -4.03
CA VAL D 21 -8.78 8.16 -3.81
C VAL D 21 -9.52 7.28 -4.82
N ILE D 22 -9.14 7.33 -6.08
CA ILE D 22 -9.70 6.43 -7.07
C ILE D 22 -9.51 4.95 -6.65
N SER D 23 -8.32 4.59 -6.16
CA SER D 23 -8.11 3.20 -5.67
C SER D 23 -9.14 2.78 -4.61
N ARG D 24 -9.51 3.68 -3.71
CA ARG D 24 -10.46 3.34 -2.67
C ARG D 24 -11.85 3.13 -3.29
N ILE D 25 -12.20 3.98 -4.24
CA ILE D 25 -13.48 3.87 -4.93
C ILE D 25 -13.50 2.58 -5.71
N GLU D 26 -12.47 2.36 -6.53
CA GLU D 26 -12.32 1.14 -7.32
C GLU D 26 -12.43 -0.16 -6.54
N ARG D 27 -11.71 -0.27 -5.42
CA ARG D 27 -11.55 -1.56 -4.68
C ARG D 27 -12.83 -1.95 -3.93
N LYS D 28 -13.72 -0.97 -3.77
CA LYS D 28 -14.97 -1.16 -3.09
C LYS D 28 -15.93 -1.90 -3.99
N GLY D 29 -15.68 -1.88 -5.31
CA GLY D 29 -16.54 -2.59 -6.26
C GLY D 29 -17.29 -1.65 -7.18
N LEU D 30 -17.19 -0.34 -6.91
CA LEU D 30 -17.85 0.66 -7.74
C LEU D 30 -17.16 0.78 -9.08
N LYS D 31 -17.96 1.01 -10.12
CA LYS D 31 -17.46 1.03 -11.49
C LYS D 31 -17.35 2.43 -11.98
N LEU D 32 -16.15 2.88 -12.31
CA LEU D 32 -15.94 4.20 -12.90
C LEU D 32 -16.51 4.22 -14.31
N VAL D 33 -17.42 5.14 -14.54
CA VAL D 33 -18.20 5.03 -15.74
C VAL D 33 -18.06 6.32 -16.51
N GLY D 34 -17.66 7.38 -15.81
CA GLY D 34 -17.30 8.63 -16.44
C GLY D 34 -16.27 9.32 -15.58
N GLY D 35 -15.40 10.10 -16.20
CA GLY D 35 -14.28 10.69 -15.43
C GLY D 35 -13.50 11.71 -16.20
N LYS D 36 -13.31 12.90 -15.64
CA LYS D 36 -12.57 13.93 -16.31
C LYS D 36 -11.91 14.90 -15.38
N LEU D 37 -10.62 15.18 -15.62
CA LEU D 37 -9.93 16.22 -14.89
C LEU D 37 -10.29 17.57 -15.49
N MET D 38 -10.70 18.52 -14.65
CA MET D 38 -11.26 19.76 -15.17
C MET D 38 -11.17 20.91 -14.22
N GLN D 39 -10.94 22.08 -14.79
CA GLN D 39 -11.02 23.33 -14.09
C GLN D 39 -12.52 23.59 -13.99
N VAL D 40 -12.99 23.95 -12.81
CA VAL D 40 -14.43 24.22 -12.59
C VAL D 40 -14.81 25.66 -12.94
N PRO D 41 -15.66 25.85 -13.97
CA PRO D 41 -16.02 27.24 -14.27
C PRO D 41 -16.85 27.84 -13.14
N MET D 42 -16.72 29.14 -12.93
CA MET D 42 -17.49 29.83 -11.90
C MET D 42 -18.99 29.51 -11.89
N GLU D 43 -19.66 29.55 -13.05
CA GLU D 43 -21.10 29.25 -13.11
C GLU D 43 -21.46 27.82 -12.70
N LEU D 44 -20.64 26.84 -13.10
CA LEU D 44 -20.81 25.46 -12.61
C LEU D 44 -20.64 25.35 -11.09
N ALA D 45 -19.63 26.01 -10.56
CA ALA D 45 -19.46 26.05 -9.12
C ALA D 45 -20.70 26.60 -8.44
N GLU D 46 -21.21 27.74 -8.92
CA GLU D 46 -22.34 28.41 -8.29
C GLU D 46 -23.60 27.58 -8.40
N THR D 47 -23.87 27.01 -9.56
CA THR D 47 -25.07 26.19 -9.65
C THR D 47 -24.96 24.83 -8.89
N HIS D 48 -23.77 24.23 -8.88
CA HIS D 48 -23.51 23.02 -8.09
C HIS D 48 -23.72 23.24 -6.60
N TYR D 49 -23.26 24.37 -6.09
CA TYR D 49 -23.36 24.68 -4.66
C TYR D 49 -24.50 25.62 -4.35
N GLY D 50 -25.49 25.66 -5.22
CA GLY D 50 -26.55 26.65 -5.17
C GLY D 50 -27.38 26.71 -3.91
N GLU D 51 -27.40 25.62 -3.16
CA GLU D 51 -28.14 25.56 -1.91
C GLU D 51 -27.53 26.43 -0.83
N HIS D 52 -26.23 26.66 -0.91
CA HIS D 52 -25.50 27.37 0.13
C HIS D 52 -25.38 28.84 -0.14
N GLN D 53 -26.08 29.32 -1.17
CA GLN D 53 -26.00 30.69 -1.67
C GLN D 53 -26.73 31.68 -0.74
N GLY D 54 -26.34 31.64 0.53
CA GLY D 54 -26.68 32.66 1.51
C GLY D 54 -25.76 32.54 2.71
N LYS D 55 -25.36 31.30 3.02
CA LYS D 55 -24.56 31.02 4.20
C LYS D 55 -23.14 31.62 4.15
N PRO D 56 -22.55 31.95 5.33
CA PRO D 56 -21.23 32.58 5.45
C PRO D 56 -20.12 31.91 4.62
N PHE D 57 -20.04 30.59 4.74
CA PHE D 57 -19.00 29.79 4.09
C PHE D 57 -19.07 29.71 2.53
N TYR D 58 -20.03 30.43 1.93
CA TYR D 58 -20.33 30.30 0.50
C TYR D 58 -19.23 30.79 -0.42
N ASN D 59 -18.78 32.01 -0.19
CA ASN D 59 -17.77 32.62 -1.04
C ASN D 59 -16.51 31.78 -1.00
N ASP D 60 -16.16 31.27 0.18
CA ASP D 60 -14.98 30.43 0.39
C ASP D 60 -15.07 29.11 -0.36
N LEU D 61 -16.25 28.49 -0.31
CA LEU D 61 -16.51 27.23 -0.96
C LEU D 61 -16.31 27.37 -2.47
N ILE D 62 -16.84 28.46 -3.04
CA ILE D 62 -16.73 28.80 -4.48
C ILE D 62 -15.27 29.05 -4.87
N SER D 63 -14.56 29.84 -4.06
CA SER D 63 -13.14 30.13 -4.28
C SER D 63 -12.34 28.85 -4.30
N PHE D 64 -12.60 28.02 -3.32
CA PHE D 64 -11.84 26.80 -3.15
C PHE D 64 -12.07 25.83 -4.27
N ILE D 65 -13.34 25.66 -4.65
CA ILE D 65 -13.70 24.69 -5.69
C ILE D 65 -13.25 25.11 -7.09
N THR D 66 -12.97 26.40 -7.26
CA THR D 66 -12.46 26.92 -8.53
C THR D 66 -10.97 27.21 -8.50
N SER D 67 -10.29 26.89 -7.39
CA SER D 67 -8.87 27.26 -7.23
C SER D 67 -7.88 26.40 -8.00
N ALA D 68 -8.25 25.15 -8.29
CA ALA D 68 -7.42 24.26 -9.07
C ALA D 68 -8.28 23.11 -9.64
N PRO D 69 -7.75 22.32 -10.59
CA PRO D 69 -8.68 21.38 -11.19
C PRO D 69 -9.26 20.39 -10.17
N VAL D 70 -10.40 19.81 -10.51
CA VAL D 70 -10.99 18.75 -9.71
C VAL D 70 -11.05 17.55 -10.65
N PHE D 71 -11.23 16.36 -10.09
CA PHE D 71 -11.49 15.18 -10.95
C PHE D 71 -12.95 14.79 -10.78
N ALA D 72 -13.74 15.01 -11.85
CA ALA D 72 -15.20 14.76 -11.80
C ALA D 72 -15.45 13.35 -12.19
N MET D 73 -16.38 12.69 -11.51
CA MET D 73 -16.63 11.26 -11.75
C MET D 73 -18.11 10.87 -11.76
N VAL D 74 -18.44 9.88 -12.58
CA VAL D 74 -19.71 9.19 -12.47
C VAL D 74 -19.37 7.74 -12.16
N VAL D 75 -20.02 7.23 -11.11
CA VAL D 75 -19.66 5.93 -10.57
C VAL D 75 -20.92 5.06 -10.49
N GLU D 76 -20.78 3.78 -10.74
CA GLU D 76 -21.97 2.95 -10.91
C GLU D 76 -21.90 1.73 -10.03
N GLY D 77 -23.01 1.39 -9.40
CA GLY D 77 -23.06 0.15 -8.62
C GLY D 77 -24.36 0.03 -7.86
N GLU D 78 -24.69 -1.15 -7.39
CA GLU D 78 -25.88 -1.31 -6.59
C GLU D 78 -25.73 -0.35 -5.39
N ASP D 79 -26.78 0.47 -5.16
CA ASP D 79 -26.82 1.36 -3.99
C ASP D 79 -25.63 2.35 -4.00
N ALA D 80 -25.19 2.72 -5.21
CA ALA D 80 -23.96 3.53 -5.38
C ALA D 80 -23.94 4.83 -4.59
N VAL D 81 -25.10 5.44 -4.39
CA VAL D 81 -25.13 6.72 -3.71
C VAL D 81 -24.72 6.55 -2.23
N ASN D 82 -25.39 5.64 -1.55
CA ASN D 82 -25.08 5.36 -0.16
C ASN D 82 -23.74 4.67 0.07
N VAL D 83 -23.34 3.81 -0.89
CA VAL D 83 -22.02 3.18 -0.85
C VAL D 83 -20.90 4.22 -0.84
N SER D 84 -21.01 5.16 -1.79
CA SER D 84 -20.03 6.21 -1.88
C SER D 84 -19.99 6.99 -0.60
N ARG D 85 -21.16 7.36 -0.09
CA ARG D 85 -21.21 8.18 1.11
C ARG D 85 -20.58 7.45 2.27
N HIS D 86 -20.77 6.14 2.30
CA HIS D 86 -20.24 5.28 3.34
C HIS D 86 -18.69 5.24 3.30
N ILE D 87 -18.11 4.96 2.14
CA ILE D 87 -16.65 4.95 2.08
C ILE D 87 -16.01 6.36 2.14
N ILE D 88 -16.73 7.39 1.71
CA ILE D 88 -16.25 8.73 1.82
C ILE D 88 -16.16 9.17 3.32
N GLY D 89 -17.19 8.81 4.10
CA GLY D 89 -17.31 9.24 5.49
C GLY D 89 -17.98 10.62 5.70
N SER D 90 -18.23 10.93 6.97
CA SER D 90 -18.90 12.15 7.39
C SER D 90 -18.22 13.41 6.88
N THR D 91 -19.05 14.43 6.68
CA THR D 91 -18.60 15.71 6.16
C THR D 91 -17.37 16.24 6.87
N ASN D 92 -17.36 16.12 8.20
CA ASN D 92 -16.24 16.55 9.00
C ASN D 92 -15.25 15.40 9.18
N PRO D 93 -14.07 15.50 8.54
CA PRO D 93 -13.05 14.46 8.61
C PRO D 93 -12.66 14.03 10.02
N SER D 94 -12.93 14.84 11.05
CA SER D 94 -12.64 14.41 12.43
C SER D 94 -13.76 13.56 13.07
N GLU D 95 -14.92 13.56 12.45
CA GLU D 95 -16.01 12.68 12.82
C GLU D 95 -15.98 11.43 11.96
N ALA D 96 -15.36 11.54 10.78
CA ALA D 96 -15.44 10.47 9.79
C ALA D 96 -14.70 9.26 10.31
N SER D 97 -15.26 8.09 10.08
CA SER D 97 -14.66 6.88 10.58
C SER D 97 -13.25 6.68 10.01
N PRO D 98 -12.28 6.38 10.88
CA PRO D 98 -10.98 5.92 10.32
C PRO D 98 -11.21 4.79 9.34
N GLY D 99 -10.45 4.78 8.23
CA GLY D 99 -10.67 3.86 7.11
C GLY D 99 -11.52 4.48 5.98
N SER D 100 -12.26 5.56 6.27
CA SER D 100 -12.98 6.25 5.22
C SER D 100 -12.01 7.21 4.54
N ILE D 101 -12.36 7.68 3.35
CA ILE D 101 -11.52 8.66 2.62
C ILE D 101 -11.22 9.91 3.49
N ARG D 102 -12.28 10.52 4.00
CA ARG D 102 -12.12 11.72 4.80
C ARG D 102 -11.49 11.41 6.17
N GLY D 103 -11.86 10.26 6.75
CA GLY D 103 -11.28 9.83 8.00
C GLY D 103 -9.75 9.71 7.90
N ASP D 104 -9.26 9.12 6.83
CA ASP D 104 -7.84 8.85 6.73
C ASP D 104 -7.07 10.04 6.18
N LEU D 105 -7.71 10.83 5.30
CA LEU D 105 -6.98 11.82 4.51
C LEU D 105 -7.30 13.29 4.75
N GLY D 106 -8.45 13.64 5.29
CA GLY D 106 -8.77 15.05 5.50
C GLY D 106 -8.61 15.54 6.94
N LEU D 107 -8.54 16.87 7.10
CA LEU D 107 -8.55 17.50 8.45
C LEU D 107 -9.76 18.34 8.74
N THR D 108 -10.15 19.19 7.78
CA THR D 108 -11.24 20.15 8.03
C THR D 108 -12.41 19.97 7.10
N VAL D 109 -13.54 20.51 7.53
CA VAL D 109 -14.78 20.39 6.84
C VAL D 109 -14.61 21.04 5.48
N GLY D 110 -13.95 22.17 5.45
CA GLY D 110 -13.80 22.94 4.20
C GLY D 110 -12.85 22.29 3.20
N ARG D 111 -11.95 21.45 3.71
CA ARG D 111 -10.93 20.81 2.89
C ARG D 111 -11.01 19.32 3.09
N ASN D 112 -12.06 18.72 2.53
CA ASN D 112 -12.39 17.36 2.86
C ASN D 112 -12.31 16.37 1.71
N ILE D 113 -11.42 16.64 0.76
CA ILE D 113 -10.95 15.62 -0.20
C ILE D 113 -11.82 15.32 -1.42
N ILE D 114 -13.11 15.11 -1.20
CA ILE D 114 -14.00 14.55 -2.20
C ILE D 114 -15.45 14.95 -1.89
N HIS D 115 -16.27 14.99 -2.94
CA HIS D 115 -17.69 15.21 -2.80
C HIS D 115 -18.41 14.00 -3.34
N GLY D 116 -19.52 13.64 -2.72
CA GLY D 116 -20.41 12.64 -3.28
C GLY D 116 -21.83 13.14 -3.15
N SER D 117 -22.67 12.86 -4.13
CA SER D 117 -24.08 13.23 -4.06
C SER D 117 -24.72 12.66 -2.79
N ASP D 118 -25.55 13.49 -2.16
CA ASP D 118 -26.18 13.11 -0.88
C ASP D 118 -27.49 12.32 -1.04
N SER D 119 -28.01 12.24 -2.26
CA SER D 119 -29.23 11.47 -2.51
C SER D 119 -29.40 11.11 -3.98
N LEU D 120 -30.31 10.18 -4.24
CA LEU D 120 -30.68 9.79 -5.58
C LEU D 120 -31.08 10.98 -6.48
N GLU D 121 -31.89 11.89 -5.94
CA GLU D 121 -32.36 13.06 -6.67
C GLU D 121 -31.22 14.00 -7.01
N SER D 122 -30.32 14.30 -6.07
CA SER D 122 -29.19 15.20 -6.35
C SER D 122 -28.08 14.48 -7.16
N ALA D 123 -28.04 13.14 -7.08
CA ALA D 123 -27.21 12.37 -8.02
C ALA D 123 -27.58 12.66 -9.48
N GLU D 124 -28.86 12.53 -9.88
CA GLU D 124 -29.19 12.79 -11.30
C GLU D 124 -29.07 14.25 -11.66
N ARG D 125 -29.25 15.09 -10.67
CA ARG D 125 -29.04 16.51 -10.89
C ARG D 125 -27.55 16.80 -11.07
N GLU D 126 -26.68 16.27 -10.22
CA GLU D 126 -25.24 16.51 -10.38
C GLU D 126 -24.63 15.84 -11.64
N ILE D 127 -24.98 14.58 -11.88
CA ILE D 127 -24.53 13.90 -13.08
C ILE D 127 -24.88 14.74 -14.31
N ASN D 128 -26.11 15.24 -14.35
CA ASN D 128 -26.56 16.01 -15.50
C ASN D 128 -25.84 17.33 -15.64
N LEU D 129 -25.52 17.94 -14.51
CA LEU D 129 -24.89 19.26 -14.51
C LEU D 129 -23.47 19.12 -15.03
N TRP D 130 -22.78 18.06 -14.61
CA TRP D 130 -21.34 17.94 -14.84
C TRP D 130 -20.92 17.20 -16.11
N PHE D 131 -21.78 16.28 -16.56
CA PHE D 131 -21.48 15.43 -17.68
C PHE D 131 -22.56 15.50 -18.76
N ASN D 132 -22.19 15.20 -19.99
CA ASN D 132 -23.14 14.91 -21.04
C ASN D 132 -23.13 13.43 -21.22
N GLU D 133 -24.26 12.85 -21.62
CA GLU D 133 -24.36 11.39 -21.62
C GLU D 133 -23.29 10.76 -22.53
N ASN D 134 -22.81 11.51 -23.52
CA ASN D 134 -21.77 10.98 -24.38
C ASN D 134 -20.40 10.90 -23.71
N GLU D 135 -20.30 11.45 -22.51
CA GLU D 135 -19.07 11.36 -21.71
C GLU D 135 -19.18 10.21 -20.72
N ILE D 136 -20.36 9.63 -20.59
CA ILE D 136 -20.57 8.52 -19.68
C ILE D 136 -20.69 7.21 -20.47
N THR D 137 -19.71 6.33 -20.27
CA THR D 137 -19.64 5.06 -20.95
C THR D 137 -20.45 4.00 -20.24
N SER D 138 -20.77 2.93 -20.93
CA SER D 138 -21.46 1.80 -20.30
C SER D 138 -20.69 0.56 -20.70
N TYR D 139 -20.35 -0.29 -19.73
CA TYR D 139 -19.60 -1.50 -20.03
C TYR D 139 -19.70 -2.53 -18.92
N ALA D 140 -19.71 -3.79 -19.33
CA ALA D 140 -19.62 -4.92 -18.44
C ALA D 140 -18.15 -5.06 -18.02
N SER D 141 -17.92 -5.62 -16.83
CA SER D 141 -16.59 -5.87 -16.34
C SER D 141 -16.53 -7.26 -15.79
N PRO D 142 -15.39 -7.93 -15.95
CA PRO D 142 -15.21 -9.31 -15.47
C PRO D 142 -15.75 -9.52 -14.02
N ARG D 143 -15.55 -8.55 -13.13
CA ARG D 143 -15.89 -8.73 -11.71
C ARG D 143 -17.39 -8.59 -11.40
N ASP D 144 -18.16 -8.08 -12.35
CA ASP D 144 -19.58 -7.83 -12.13
C ASP D 144 -20.36 -9.03 -11.64
N ALA D 145 -20.05 -10.21 -12.17
CA ALA D 145 -20.73 -11.42 -11.74
C ALA D 145 -20.23 -11.87 -10.36
N TRP D 146 -19.16 -11.25 -9.88
CA TRP D 146 -18.63 -11.65 -8.59
C TRP D 146 -18.95 -10.63 -7.51
N LEU D 147 -19.43 -9.46 -7.92
CA LEU D 147 -19.87 -8.44 -6.95
C LEU D 147 -21.32 -8.64 -6.51
N TYR D 148 -22.12 -9.15 -7.43
CA TYR D 148 -23.56 -9.29 -7.28
C TYR D 148 -24.03 -10.71 -7.65
N GLU D 149 -25.18 -11.11 -7.09
CA GLU D 149 -25.97 -12.19 -7.67
C GLU D 149 -26.61 -11.76 -8.99
N MET E 1 -3.90 -21.27 22.94
CA MET E 1 -4.39 -19.91 22.57
C MET E 1 -5.58 -20.00 21.63
N GLU E 2 -6.58 -19.13 21.81
CA GLU E 2 -7.78 -19.10 20.98
C GLU E 2 -7.56 -19.17 19.46
N ARG E 3 -8.48 -19.84 18.78
CA ARG E 3 -8.43 -20.04 17.32
C ARG E 3 -9.79 -19.89 16.70
N THR E 4 -9.82 -19.31 15.50
CA THR E 4 -11.07 -19.19 14.78
C THR E 4 -10.87 -19.65 13.34
N PHE E 5 -11.99 -19.93 12.67
CA PHE E 5 -11.96 -20.33 11.28
C PHE E 5 -12.37 -19.14 10.43
N LEU E 6 -11.49 -18.82 9.48
CA LEU E 6 -11.79 -17.80 8.47
C LEU E 6 -11.73 -18.45 7.10
N MET E 7 -12.49 -17.89 6.17
CA MET E 7 -12.48 -18.37 4.82
C MET E 7 -12.63 -17.21 3.83
N ILE E 8 -11.65 -17.08 2.97
CA ILE E 8 -11.74 -16.11 1.89
C ILE E 8 -12.63 -16.70 0.83
N LYS E 9 -13.69 -15.98 0.50
CA LYS E 9 -14.74 -16.53 -0.34
C LYS E 9 -14.40 -16.42 -1.84
N PRO E 10 -15.18 -17.11 -2.68
CA PRO E 10 -14.93 -17.12 -4.12
C PRO E 10 -14.93 -15.75 -4.78
N ASP E 11 -15.78 -14.84 -4.30
CA ASP E 11 -15.80 -13.47 -4.85
C ASP E 11 -14.44 -12.83 -4.63
N ALA E 12 -13.83 -12.98 -3.45
CA ALA E 12 -12.52 -12.40 -3.21
C ALA E 12 -11.44 -13.07 -4.03
N VAL E 13 -11.54 -14.39 -4.18
CA VAL E 13 -10.60 -15.15 -4.97
C VAL E 13 -10.66 -14.75 -6.46
N GLN E 14 -11.87 -14.59 -6.99
CA GLN E 14 -12.08 -14.21 -8.38
C GLN E 14 -11.88 -12.72 -8.61
N ARG E 15 -11.74 -11.98 -7.51
CA ARG E 15 -11.42 -10.59 -7.63
C ARG E 15 -9.92 -10.34 -7.41
N ASN E 16 -9.19 -11.41 -7.17
CA ASN E 16 -7.75 -11.39 -6.96
C ASN E 16 -7.35 -10.62 -5.69
N LEU E 17 -8.11 -10.85 -4.63
CA LEU E 17 -7.88 -10.13 -3.40
C LEU E 17 -7.36 -11.03 -2.30
N ILE E 18 -6.89 -12.21 -2.66
CA ILE E 18 -6.36 -13.12 -1.64
C ILE E 18 -5.29 -12.50 -0.72
N GLY E 19 -4.21 -11.98 -1.35
CA GLY E 19 -3.08 -11.44 -0.55
C GLY E 19 -3.47 -10.23 0.29
N GLU E 20 -4.29 -9.36 -0.27
CA GLU E 20 -4.79 -8.16 0.41
C GLU E 20 -5.52 -8.53 1.68
N VAL E 21 -6.33 -9.58 1.62
CA VAL E 21 -7.15 -9.99 2.77
C VAL E 21 -6.27 -10.66 3.82
N ILE E 22 -5.36 -11.53 3.38
CA ILE E 22 -4.38 -12.13 4.28
C ILE E 22 -3.52 -11.03 4.94
N SER E 23 -3.05 -10.08 4.15
CA SER E 23 -2.32 -8.96 4.72
C SER E 23 -3.07 -8.28 5.86
N ARG E 24 -4.37 -8.05 5.70
CA ARG E 24 -5.12 -7.38 6.75
C ARG E 24 -5.20 -8.25 8.00
N ILE E 25 -5.39 -9.55 7.82
CA ILE E 25 -5.41 -10.52 8.93
C ILE E 25 -4.06 -10.56 9.62
N GLU E 26 -3.01 -10.69 8.83
CA GLU E 26 -1.64 -10.78 9.30
C GLU E 26 -1.18 -9.56 10.09
N ARG E 27 -1.47 -8.36 9.57
CA ARG E 27 -0.98 -7.10 10.17
C ARG E 27 -1.65 -6.82 11.52
N LYS E 28 -2.80 -7.45 11.78
CA LYS E 28 -3.55 -7.24 13.01
C LYS E 28 -2.88 -7.96 14.18
N GLY E 29 -2.03 -8.93 13.88
CA GLY E 29 -1.32 -9.66 14.90
C GLY E 29 -1.79 -11.10 14.98
N LEU E 30 -2.82 -11.44 14.19
CA LEU E 30 -3.30 -12.82 14.17
C LEU E 30 -2.31 -13.75 13.46
N LYS E 31 -2.11 -14.93 14.02
CA LYS E 31 -1.17 -15.91 13.50
C LYS E 31 -1.86 -16.95 12.63
N LEU E 32 -1.51 -16.96 11.33
CA LEU E 32 -2.00 -17.99 10.40
C LEU E 32 -1.45 -19.34 10.81
N VAL E 33 -2.35 -20.22 11.22
CA VAL E 33 -1.91 -21.48 11.78
C VAL E 33 -2.31 -22.68 10.90
N GLY E 34 -3.30 -22.48 10.04
CA GLY E 34 -3.66 -23.41 8.99
C GLY E 34 -4.18 -22.62 7.81
N GLY E 35 -3.93 -23.10 6.61
CA GLY E 35 -4.47 -22.45 5.41
C GLY E 35 -4.40 -23.34 4.20
N LYS E 36 -5.47 -23.40 3.42
CA LYS E 36 -5.44 -24.16 2.17
C LYS E 36 -6.40 -23.62 1.11
N LEU E 37 -5.90 -23.54 -0.12
CA LEU E 37 -6.78 -23.20 -1.22
C LEU E 37 -7.51 -24.47 -1.66
N MET E 38 -8.82 -24.40 -1.77
CA MET E 38 -9.61 -25.63 -1.99
C MET E 38 -10.95 -25.32 -2.64
N GLN E 39 -11.31 -26.19 -3.58
CA GLN E 39 -12.66 -26.25 -4.11
C GLN E 39 -13.52 -26.82 -2.98
N VAL E 40 -14.70 -26.22 -2.72
CA VAL E 40 -15.56 -26.66 -1.63
C VAL E 40 -16.51 -27.75 -2.12
N PRO E 41 -16.36 -29.00 -1.61
CA PRO E 41 -17.33 -30.03 -2.04
C PRO E 41 -18.75 -29.71 -1.60
N MET E 42 -19.73 -30.09 -2.41
CA MET E 42 -21.12 -29.79 -2.10
C MET E 42 -21.46 -30.24 -0.65
N GLU E 43 -20.91 -31.42 -0.30
CA GLU E 43 -21.01 -32.01 1.04
C GLU E 43 -20.77 -30.98 2.12
N LEU E 44 -19.53 -30.48 2.15
CA LEU E 44 -19.01 -29.49 3.07
C LEU E 44 -19.77 -28.16 3.08
N ALA E 45 -20.20 -27.70 1.92
CA ALA E 45 -20.93 -26.45 1.85
C ALA E 45 -22.23 -26.59 2.62
N GLU E 46 -22.98 -27.65 2.33
CA GLU E 46 -24.29 -27.88 2.98
C GLU E 46 -24.12 -28.03 4.51
N THR E 47 -23.16 -28.82 4.96
CA THR E 47 -23.03 -28.94 6.41
C THR E 47 -22.49 -27.64 7.05
N HIS E 48 -21.54 -26.97 6.39
CA HIS E 48 -21.08 -25.65 6.89
C HIS E 48 -22.20 -24.61 6.99
N TYR E 49 -23.06 -24.55 5.97
CA TYR E 49 -24.19 -23.62 5.98
C TYR E 49 -25.50 -24.21 6.50
N GLY E 50 -25.40 -25.37 7.13
CA GLY E 50 -26.53 -26.06 7.74
C GLY E 50 -27.65 -25.11 8.14
N GLU E 51 -27.39 -24.30 9.14
CA GLU E 51 -28.38 -23.45 9.77
C GLU E 51 -29.36 -22.77 8.84
N HIS E 52 -28.93 -22.49 7.61
CA HIS E 52 -29.76 -21.70 6.70
C HIS E 52 -30.61 -22.55 5.75
N GLN E 53 -30.60 -23.87 5.98
CA GLN E 53 -31.33 -24.92 5.27
C GLN E 53 -32.65 -24.54 4.62
N GLY E 54 -33.39 -23.69 5.31
CA GLY E 54 -34.74 -23.41 4.94
C GLY E 54 -34.91 -22.08 4.27
N LYS E 55 -34.00 -21.14 4.56
CA LYS E 55 -34.14 -19.74 4.09
C LYS E 55 -34.06 -19.61 2.57
N PRO E 56 -34.79 -18.61 1.99
CA PRO E 56 -34.82 -18.36 0.55
C PRO E 56 -33.43 -18.31 -0.08
N PHE E 57 -32.54 -17.49 0.47
CA PHE E 57 -31.21 -17.37 -0.11
C PHE E 57 -30.26 -18.63 -0.06
N TYR E 58 -30.74 -19.76 0.49
CA TYR E 58 -29.90 -20.94 0.74
C TYR E 58 -29.22 -21.52 -0.51
N ASN E 59 -29.96 -21.60 -1.62
CA ASN E 59 -29.44 -22.33 -2.82
C ASN E 59 -28.42 -21.47 -3.51
N ASP E 60 -28.64 -20.18 -3.41
CA ASP E 60 -27.68 -19.22 -3.88
C ASP E 60 -26.39 -19.25 -3.06
N LEU E 61 -26.52 -19.44 -1.74
CA LEU E 61 -25.34 -19.49 -0.90
C LEU E 61 -24.49 -20.69 -1.24
N ILE E 62 -25.14 -21.84 -1.44
CA ILE E 62 -24.45 -23.09 -1.74
C ILE E 62 -23.80 -23.01 -3.14
N SER E 63 -24.53 -22.50 -4.12
CA SER E 63 -24.00 -22.28 -5.47
C SER E 63 -22.77 -21.36 -5.45
N PHE E 64 -22.89 -20.24 -4.74
CA PHE E 64 -21.83 -19.28 -4.72
C PHE E 64 -20.56 -19.85 -4.07
N ILE E 65 -20.71 -20.56 -2.94
CA ILE E 65 -19.57 -21.02 -2.18
C ILE E 65 -18.89 -22.19 -2.88
N THR E 66 -19.57 -22.78 -3.84
CA THR E 66 -18.97 -23.90 -4.55
C THR E 66 -18.57 -23.51 -5.95
N SER E 67 -18.81 -22.25 -6.31
CA SER E 67 -18.59 -21.75 -7.68
C SER E 67 -17.13 -21.54 -8.07
N ALA E 68 -16.23 -21.42 -7.08
CA ALA E 68 -14.79 -21.32 -7.33
C ALA E 68 -14.04 -21.57 -6.03
N PRO E 69 -12.70 -21.72 -6.08
CA PRO E 69 -12.06 -22.09 -4.82
C PRO E 69 -12.14 -20.98 -3.76
N VAL E 70 -11.97 -21.40 -2.51
CA VAL E 70 -11.97 -20.49 -1.38
C VAL E 70 -10.63 -20.69 -0.76
N PHE E 71 -10.19 -19.76 0.07
CA PHE E 71 -8.99 -20.00 0.89
C PHE E 71 -9.41 -20.16 2.35
N ALA E 72 -9.36 -21.41 2.82
CA ALA E 72 -9.77 -21.80 4.17
C ALA E 72 -8.61 -21.57 5.12
N MET E 73 -8.91 -21.05 6.31
CA MET E 73 -7.89 -20.65 7.26
C MET E 73 -8.22 -20.99 8.72
N VAL E 74 -7.16 -21.27 9.49
CA VAL E 74 -7.26 -21.30 10.94
C VAL E 74 -6.27 -20.30 11.45
N VAL E 75 -6.78 -19.39 12.26
CA VAL E 75 -6.07 -18.22 12.74
C VAL E 75 -6.06 -18.21 14.28
N GLU E 76 -4.96 -17.81 14.87
CA GLU E 76 -4.77 -17.97 16.30
C GLU E 76 -4.36 -16.66 16.88
N GLY E 77 -4.86 -16.35 18.08
CA GLY E 77 -4.49 -15.15 18.84
C GLY E 77 -5.45 -14.91 19.97
N GLU E 78 -5.04 -14.12 20.95
CA GLU E 78 -5.88 -13.83 22.09
C GLU E 78 -7.16 -13.24 21.54
N ASP E 79 -8.30 -13.81 21.95
CA ASP E 79 -9.61 -13.29 21.57
C ASP E 79 -9.85 -13.31 20.03
N ALA E 80 -9.19 -14.27 19.37
CA ALA E 80 -9.19 -14.40 17.90
C ALA E 80 -10.57 -14.34 17.21
N VAL E 81 -11.58 -14.95 17.82
CA VAL E 81 -12.90 -15.02 17.22
C VAL E 81 -13.46 -13.62 17.08
N ASN E 82 -13.52 -12.88 18.19
CA ASN E 82 -13.99 -11.50 18.16
C ASN E 82 -13.08 -10.52 17.42
N VAL E 83 -11.77 -10.75 17.49
CA VAL E 83 -10.90 -9.84 16.79
C VAL E 83 -11.12 -9.98 15.28
N SER E 84 -11.28 -11.21 14.82
CA SER E 84 -11.53 -11.46 13.42
C SER E 84 -12.80 -10.80 13.00
N ARG E 85 -13.85 -10.98 13.81
CA ARG E 85 -15.14 -10.45 13.43
C ARG E 85 -15.05 -8.95 13.33
N HIS E 86 -14.28 -8.35 14.24
CA HIS E 86 -14.05 -6.91 14.30
C HIS E 86 -13.39 -6.39 13.00
N ILE E 87 -12.26 -6.99 12.59
CA ILE E 87 -11.59 -6.47 11.40
C ILE E 87 -12.32 -6.88 10.11
N ILE E 88 -13.15 -7.90 10.19
CA ILE E 88 -13.93 -8.32 9.04
C ILE E 88 -15.08 -7.38 8.81
N GLY E 89 -15.70 -6.93 9.90
CA GLY E 89 -16.85 -6.00 9.84
C GLY E 89 -18.21 -6.64 9.65
N SER E 90 -19.27 -5.84 9.82
CA SER E 90 -20.65 -6.35 9.69
C SER E 90 -20.91 -7.15 8.41
N THR E 91 -21.84 -8.08 8.53
CA THR E 91 -22.27 -8.97 7.46
C THR E 91 -22.58 -8.17 6.21
N ASN E 92 -23.26 -7.05 6.38
CA ASN E 92 -23.56 -6.18 5.26
C ASN E 92 -22.45 -5.15 5.05
N PRO E 93 -21.68 -5.31 3.96
CA PRO E 93 -20.58 -4.42 3.68
C PRO E 93 -20.99 -2.93 3.71
N SER E 94 -22.28 -2.63 3.53
CA SER E 94 -22.67 -1.21 3.57
C SER E 94 -22.89 -0.68 5.00
N GLU E 95 -22.99 -1.60 5.96
CA GLU E 95 -23.01 -1.22 7.37
C GLU E 95 -21.62 -1.39 7.99
N ALA E 96 -20.78 -2.25 7.41
CA ALA E 96 -19.44 -2.50 7.94
C ALA E 96 -18.62 -1.20 7.97
N SER E 97 -17.85 -1.05 9.05
CA SER E 97 -17.07 0.15 9.23
C SER E 97 -16.03 0.30 8.13
N PRO E 98 -15.89 1.52 7.58
CA PRO E 98 -14.80 1.74 6.65
C PRO E 98 -13.52 1.33 7.38
N GLY E 99 -12.53 0.76 6.68
CA GLY E 99 -11.35 0.19 7.32
C GLY E 99 -11.41 -1.31 7.62
N SER E 100 -12.62 -1.86 7.76
CA SER E 100 -12.78 -3.31 7.85
C SER E 100 -12.69 -3.95 6.44
N ILE E 101 -12.43 -5.26 6.41
CA ILE E 101 -12.35 -5.99 5.16
C ILE E 101 -13.62 -5.76 4.31
N ARG E 102 -14.80 -6.01 4.88
CA ARG E 102 -16.09 -5.84 4.15
C ARG E 102 -16.43 -4.39 3.84
N GLY E 103 -16.12 -3.50 4.79
CA GLY E 103 -16.32 -2.07 4.58
C GLY E 103 -15.51 -1.50 3.42
N ASP E 104 -14.27 -1.97 3.25
CA ASP E 104 -13.43 -1.44 2.17
C ASP E 104 -13.64 -2.19 0.86
N LEU E 105 -13.90 -3.49 0.94
CA LEU E 105 -13.81 -4.34 -0.25
C LEU E 105 -15.12 -4.89 -0.81
N GLY E 106 -16.17 -4.99 0.00
CA GLY E 106 -17.39 -5.63 -0.49
C GLY E 106 -18.54 -4.68 -0.77
N LEU E 107 -19.55 -5.16 -1.49
CA LEU E 107 -20.74 -4.36 -1.74
C LEU E 107 -21.99 -4.98 -1.17
N THR E 108 -22.18 -6.29 -1.36
CA THR E 108 -23.46 -6.91 -0.99
C THR E 108 -23.30 -7.99 0.07
N VAL E 109 -24.37 -8.20 0.82
CA VAL E 109 -24.41 -9.21 1.87
C VAL E 109 -23.98 -10.59 1.31
N GLY E 110 -24.49 -10.93 0.11
CA GLY E 110 -24.17 -12.22 -0.48
C GLY E 110 -22.75 -12.37 -0.99
N ARG E 111 -22.09 -11.25 -1.27
CA ARG E 111 -20.75 -11.26 -1.84
C ARG E 111 -19.85 -10.42 -0.97
N ASN E 112 -19.58 -10.94 0.22
CA ASN E 112 -18.97 -10.15 1.25
C ASN E 112 -17.58 -10.63 1.65
N ILE E 113 -16.84 -11.15 0.66
CA ILE E 113 -15.38 -11.33 0.76
C ILE E 113 -14.91 -12.49 1.64
N ILE E 114 -15.42 -12.59 2.86
CA ILE E 114 -14.78 -13.47 3.82
C ILE E 114 -15.78 -13.92 4.86
N HIS E 115 -15.56 -15.11 5.39
CA HIS E 115 -16.36 -15.64 6.47
C HIS E 115 -15.48 -15.74 7.71
N GLY E 116 -16.08 -15.43 8.87
CA GLY E 116 -15.44 -15.73 10.14
C GLY E 116 -16.40 -16.35 11.13
N SER E 117 -15.94 -17.34 11.89
CA SER E 117 -16.79 -17.97 12.89
C SER E 117 -17.44 -16.91 13.78
N ASP E 118 -18.74 -17.06 14.02
CA ASP E 118 -19.45 -16.07 14.84
C ASP E 118 -19.28 -16.26 16.37
N SER E 119 -18.76 -17.41 16.79
CA SER E 119 -18.57 -17.67 18.22
C SER E 119 -17.46 -18.67 18.48
N LEU E 120 -17.06 -18.77 19.74
CA LEU E 120 -16.19 -19.84 20.17
C LEU E 120 -16.70 -21.26 19.82
N GLU E 121 -17.98 -21.56 20.05
CA GLU E 121 -18.45 -22.90 19.71
C GLU E 121 -18.39 -23.15 18.23
N SER E 122 -18.93 -22.21 17.44
CA SER E 122 -18.93 -22.48 15.99
C SER E 122 -17.51 -22.49 15.40
N ALA E 123 -16.59 -21.77 16.03
CA ALA E 123 -15.18 -21.85 15.64
C ALA E 123 -14.72 -23.30 15.78
N GLU E 124 -15.05 -23.92 16.91
CA GLU E 124 -14.52 -25.23 17.23
C GLU E 124 -15.10 -26.20 16.25
N ARG E 125 -16.35 -25.97 15.88
CA ARG E 125 -17.06 -26.78 14.91
C ARG E 125 -16.58 -26.58 13.47
N GLU E 126 -16.40 -25.32 13.07
CA GLU E 126 -15.92 -25.02 11.74
C GLU E 126 -14.47 -25.49 11.54
N ILE E 127 -13.60 -25.26 12.52
CA ILE E 127 -12.22 -25.72 12.41
C ILE E 127 -12.18 -27.23 12.20
N ASN E 128 -12.99 -27.95 12.99
CA ASN E 128 -13.08 -29.39 12.89
C ASN E 128 -13.64 -29.88 11.55
N LEU E 129 -14.65 -29.17 11.05
CA LEU E 129 -15.27 -29.53 9.76
C LEU E 129 -14.29 -29.40 8.58
N TRP E 130 -13.50 -28.32 8.58
CA TRP E 130 -12.69 -27.92 7.43
C TRP E 130 -11.24 -28.39 7.47
N PHE E 131 -10.75 -28.74 8.65
CA PHE E 131 -9.35 -29.11 8.79
C PHE E 131 -9.22 -30.38 9.59
N ASN E 132 -8.12 -31.09 9.38
CA ASN E 132 -7.71 -32.17 10.25
C ASN E 132 -6.60 -31.64 11.12
N GLU E 133 -6.44 -32.22 12.30
CA GLU E 133 -5.47 -31.62 13.22
C GLU E 133 -4.04 -31.64 12.72
N ASN E 134 -3.73 -32.55 11.79
CA ASN E 134 -2.41 -32.57 11.15
C ASN E 134 -2.18 -31.49 10.07
N GLU E 135 -3.23 -30.76 9.69
CA GLU E 135 -3.14 -29.66 8.74
C GLU E 135 -2.91 -28.34 9.46
N ILE E 136 -3.13 -28.34 10.78
CA ILE E 136 -2.99 -27.15 11.63
C ILE E 136 -1.67 -27.20 12.37
N THR E 137 -0.81 -26.23 12.10
CA THR E 137 0.54 -26.21 12.64
C THR E 137 0.56 -25.38 13.94
N SER E 138 1.63 -25.49 14.70
CA SER E 138 1.73 -24.72 15.92
C SER E 138 3.15 -24.24 15.99
N TYR E 139 3.31 -22.94 16.18
CA TYR E 139 4.66 -22.38 16.22
C TYR E 139 4.72 -21.06 16.94
N ALA E 140 5.84 -20.81 17.57
CA ALA E 140 6.16 -19.53 18.16
C ALA E 140 6.61 -18.60 17.02
N SER E 141 6.28 -17.32 17.14
CA SER E 141 6.79 -16.30 16.21
C SER E 141 7.49 -15.20 16.96
N PRO E 142 8.46 -14.56 16.31
CA PRO E 142 9.21 -13.45 16.89
C PRO E 142 8.33 -12.38 17.52
N ARG E 143 7.21 -12.05 16.89
CA ARG E 143 6.37 -10.94 17.36
C ARG E 143 5.47 -11.26 18.58
N ASP E 144 5.35 -12.54 18.90
CA ASP E 144 4.48 -12.98 19.99
C ASP E 144 4.74 -12.23 21.31
N ALA E 145 5.99 -12.04 21.67
CA ALA E 145 6.31 -11.36 22.92
C ALA E 145 6.05 -9.86 22.82
N TRP E 146 5.75 -9.39 21.61
CA TRP E 146 5.48 -7.97 21.39
C TRP E 146 4.00 -7.67 21.09
N LEU E 147 3.20 -8.69 20.88
CA LEU E 147 1.74 -8.58 20.81
C LEU E 147 1.05 -8.72 22.17
N TYR E 148 1.68 -9.45 23.09
CA TYR E 148 1.05 -9.78 24.37
C TYR E 148 2.06 -9.57 25.48
N GLU E 149 1.58 -9.37 26.71
CA GLU E 149 2.45 -9.47 27.90
C GLU E 149 2.13 -10.76 28.63
N MET F 1 0.02 27.16 16.05
CA MET F 1 -0.91 26.05 15.68
C MET F 1 -0.74 24.88 16.66
N GLU F 2 -1.86 24.23 16.99
CA GLU F 2 -1.90 23.12 17.97
C GLU F 2 -0.88 22.00 17.74
N ARG F 3 -0.33 21.49 18.85
CA ARG F 3 0.67 20.43 18.84
C ARG F 3 0.35 19.33 19.83
N THR F 4 0.79 18.12 19.51
CA THR F 4 0.63 17.02 20.45
C THR F 4 1.84 16.12 20.45
N PHE F 5 1.96 15.33 21.49
CA PHE F 5 3.06 14.43 21.59
C PHE F 5 2.56 13.04 21.28
N LEU F 6 3.26 12.41 20.32
CA LEU F 6 3.02 11.01 19.94
C LEU F 6 4.30 10.22 20.13
N MET F 7 4.14 8.96 20.47
CA MET F 7 5.30 8.10 20.63
C MET F 7 4.96 6.73 20.09
N ILE F 8 5.74 6.29 19.10
CA ILE F 8 5.65 4.94 18.56
C ILE F 8 6.37 4.04 19.55
N LYS F 9 5.63 3.07 20.05
CA LYS F 9 6.08 2.26 21.17
C LYS F 9 7.01 1.14 20.73
N PRO F 10 7.71 0.49 21.68
CA PRO F 10 8.69 -0.55 21.37
C PRO F 10 8.09 -1.75 20.63
N ASP F 11 6.82 -2.08 20.89
CA ASP F 11 6.19 -3.15 20.16
C ASP F 11 6.17 -2.81 18.68
N ALA F 12 5.78 -1.59 18.33
CA ALA F 12 5.77 -1.17 16.94
C ALA F 12 7.15 -1.16 16.33
N VAL F 13 8.11 -0.61 17.10
CA VAL F 13 9.52 -0.60 16.67
C VAL F 13 10.00 -2.01 16.39
N GLN F 14 9.73 -2.94 17.31
CA GLN F 14 10.21 -4.30 17.21
C GLN F 14 9.40 -5.18 16.23
N ARG F 15 8.29 -4.64 15.77
CA ARG F 15 7.54 -5.27 14.72
C ARG F 15 7.76 -4.58 13.40
N ASN F 16 8.73 -3.63 13.37
CA ASN F 16 9.13 -2.98 12.12
C ASN F 16 7.96 -2.24 11.43
N LEU F 17 7.18 -1.53 12.24
CA LEU F 17 6.00 -0.78 11.80
C LEU F 17 6.21 0.74 11.86
N ILE F 18 7.44 1.20 12.11
CA ILE F 18 7.72 2.65 12.22
C ILE F 18 7.24 3.45 11.00
N GLY F 19 7.66 3.06 9.80
CA GLY F 19 7.25 3.77 8.59
C GLY F 19 5.73 3.79 8.39
N GLU F 20 5.09 2.65 8.64
CA GLU F 20 3.68 2.47 8.37
C GLU F 20 2.90 3.40 9.29
N VAL F 21 3.38 3.52 10.54
CA VAL F 21 2.70 4.37 11.52
C VAL F 21 2.89 5.83 11.19
N ILE F 22 4.11 6.22 10.86
CA ILE F 22 4.35 7.57 10.41
C ILE F 22 3.53 7.89 9.14
N SER F 23 3.47 6.97 8.19
CA SER F 23 2.66 7.17 6.99
C SER F 23 1.21 7.53 7.32
N ARG F 24 0.61 6.82 8.30
CA ARG F 24 -0.77 7.09 8.63
C ARG F 24 -0.94 8.47 9.25
N ILE F 25 -0.01 8.88 10.11
CA ILE F 25 0.00 10.20 10.70
C ILE F 25 0.17 11.25 9.63
N GLU F 26 1.17 11.05 8.77
CA GLU F 26 1.48 11.95 7.69
C GLU F 26 0.33 12.20 6.71
N ARG F 27 -0.32 11.14 6.25
CA ARG F 27 -1.33 11.24 5.20
C ARG F 27 -2.61 11.91 5.73
N LYS F 28 -2.77 11.96 7.05
CA LYS F 28 -3.92 12.59 7.66
C LYS F 28 -3.82 14.11 7.55
N GLY F 29 -2.62 14.62 7.28
CA GLY F 29 -2.43 16.03 7.15
C GLY F 29 -1.64 16.60 8.31
N LEU F 30 -1.31 15.76 9.28
CA LEU F 30 -0.55 16.24 10.44
C LEU F 30 0.89 16.47 10.03
N LYS F 31 1.51 17.52 10.56
CA LYS F 31 2.88 17.91 10.21
C LYS F 31 3.86 17.44 11.29
N LEU F 32 4.79 16.60 10.91
CA LEU F 32 5.85 16.15 11.80
C LEU F 32 6.81 17.29 12.05
N VAL F 33 6.91 17.67 13.30
CA VAL F 33 7.59 18.90 13.61
C VAL F 33 8.75 18.61 14.54
N GLY F 34 8.69 17.51 15.28
CA GLY F 34 9.82 16.99 16.02
C GLY F 34 9.77 15.48 15.96
N GLY F 35 10.95 14.84 15.93
CA GLY F 35 11.01 13.36 15.86
C GLY F 35 12.37 12.81 16.20
N LYS F 36 12.39 11.81 17.08
CA LYS F 36 13.67 11.19 17.43
C LYS F 36 13.55 9.73 17.87
N LEU F 37 14.39 8.88 17.31
CA LEU F 37 14.46 7.52 17.82
C LEU F 37 15.32 7.51 19.08
N MET F 38 14.79 6.99 20.16
CA MET F 38 15.49 7.11 21.46
C MET F 38 15.20 5.95 22.40
N GLN F 39 16.23 5.53 23.12
CA GLN F 39 16.07 4.64 24.27
C GLN F 39 15.47 5.50 25.38
N VAL F 40 14.44 5.00 26.06
CA VAL F 40 13.77 5.79 27.10
C VAL F 40 14.47 5.56 28.43
N PRO F 41 15.10 6.60 29.00
CA PRO F 41 15.69 6.40 30.35
C PRO F 41 14.64 6.11 31.42
N MET F 42 14.98 5.29 32.40
CA MET F 42 14.06 4.92 33.46
C MET F 42 13.41 6.17 34.04
N GLU F 43 14.24 7.19 34.16
CA GLU F 43 13.94 8.48 34.71
C GLU F 43 12.81 9.23 34.04
N LEU F 44 12.66 9.04 32.73
CA LEU F 44 11.62 9.63 31.89
C LEU F 44 10.38 8.76 31.86
N ALA F 45 10.60 7.45 31.87
CA ALA F 45 9.50 6.53 31.81
C ALA F 45 8.61 6.72 33.03
N GLU F 46 9.24 6.80 34.20
CA GLU F 46 8.52 6.99 35.49
C GLU F 46 7.77 8.31 35.60
N THR F 47 8.39 9.39 35.18
CA THR F 47 7.66 10.64 35.24
C THR F 47 6.58 10.71 34.15
N HIS F 48 6.86 10.13 32.95
CA HIS F 48 5.85 10.07 31.87
C HIS F 48 4.62 9.28 32.29
N TYR F 49 4.88 8.17 32.99
CA TYR F 49 3.82 7.29 33.45
C TYR F 49 3.43 7.43 34.95
N GLY F 50 4.04 8.37 35.69
CA GLY F 50 3.65 8.68 37.07
C GLY F 50 2.20 8.45 37.50
N GLU F 51 1.22 8.92 36.71
CA GLU F 51 -0.22 8.81 37.09
C GLU F 51 -0.54 7.41 37.52
N HIS F 52 0.15 6.44 36.92
CA HIS F 52 -0.16 5.02 37.12
C HIS F 52 0.73 4.38 38.17
N GLN F 53 1.51 5.11 38.92
CA GLN F 53 2.51 4.40 39.71
C GLN F 53 1.98 3.74 41.00
N GLY F 54 0.69 3.55 41.07
CA GLY F 54 0.10 2.73 42.16
C GLY F 54 -0.47 1.43 41.65
N LYS F 55 -0.91 1.45 40.40
CA LYS F 55 -1.67 0.39 39.82
C LYS F 55 -0.86 -0.92 39.71
N PRO F 56 -1.56 -2.08 39.57
CA PRO F 56 -0.94 -3.37 39.27
C PRO F 56 -0.05 -3.35 38.00
N PHE F 57 -0.63 -2.93 36.89
CA PHE F 57 0.10 -2.61 35.69
C PHE F 57 0.71 -1.28 35.90
N TYR F 58 1.86 -1.33 36.49
CA TYR F 58 2.79 -0.21 36.48
C TYR F 58 4.21 -0.69 36.17
N ASN F 59 4.72 -1.63 36.97
CA ASN F 59 6.07 -2.19 36.77
C ASN F 59 6.21 -2.90 35.41
N ASP F 60 5.08 -3.35 34.83
CA ASP F 60 5.08 -3.87 33.46
C ASP F 60 5.23 -2.76 32.40
N LEU F 61 4.65 -1.61 32.63
CA LEU F 61 4.67 -0.61 31.61
C LEU F 61 6.09 -0.07 31.62
N ILE F 62 6.55 0.24 32.77
CA ILE F 62 7.88 0.77 32.83
C ILE F 62 8.90 -0.15 32.19
N SER F 63 8.79 -1.46 32.43
CA SER F 63 9.65 -2.47 31.71
C SER F 63 9.42 -2.46 30.19
N PHE F 64 8.16 -2.43 29.78
CA PHE F 64 7.88 -2.47 28.36
C PHE F 64 8.42 -1.23 27.65
N ILE F 65 8.18 -0.03 28.21
CA ILE F 65 8.53 1.22 27.53
C ILE F 65 10.02 1.48 27.54
N THR F 66 10.75 0.77 28.39
CA THR F 66 12.22 0.85 28.41
C THR F 66 12.93 -0.36 27.77
N SER F 67 12.15 -1.29 27.21
CA SER F 67 12.71 -2.52 26.69
C SER F 67 13.34 -2.41 25.29
N ALA F 68 13.03 -1.34 24.56
CA ALA F 68 13.63 -1.07 23.23
C ALA F 68 13.32 0.37 22.81
N PRO F 69 14.01 0.85 21.78
CA PRO F 69 13.79 2.27 21.53
C PRO F 69 12.34 2.57 21.15
N VAL F 70 11.89 3.80 21.38
CA VAL F 70 10.61 4.30 20.89
C VAL F 70 10.91 5.41 19.92
N PHE F 71 9.96 5.77 19.08
CA PHE F 71 10.11 6.94 18.21
C PHE F 71 9.21 8.05 18.73
N ALA F 72 9.84 9.07 19.32
CA ALA F 72 9.12 10.17 19.98
C ALA F 72 8.85 11.29 18.96
N MET F 73 7.66 11.87 19.02
CA MET F 73 7.20 12.80 17.99
C MET F 73 6.47 14.03 18.53
N VAL F 74 6.65 15.15 17.87
CA VAL F 74 5.78 16.28 18.10
C VAL F 74 5.15 16.58 16.78
N VAL F 75 3.82 16.60 16.79
CA VAL F 75 2.99 16.66 15.60
C VAL F 75 2.06 17.88 15.68
N GLU F 76 1.93 18.58 14.57
CA GLU F 76 1.28 19.90 14.55
C GLU F 76 0.13 19.93 13.55
N GLY F 77 -0.97 20.58 13.93
CA GLY F 77 -2.10 20.76 13.04
C GLY F 77 -3.34 21.25 13.77
N GLU F 78 -4.31 21.78 13.03
CA GLU F 78 -5.55 22.21 13.66
C GLU F 78 -6.17 21.03 14.40
N ASP F 79 -6.45 21.20 15.69
CA ASP F 79 -7.11 20.18 16.52
C ASP F 79 -6.26 18.90 16.69
N ALA F 80 -4.95 19.07 16.67
CA ALA F 80 -3.99 17.95 16.52
C ALA F 80 -4.11 16.90 17.60
N VAL F 81 -4.48 17.28 18.81
CA VAL F 81 -4.57 16.34 19.91
C VAL F 81 -5.69 15.35 19.61
N ASN F 82 -6.89 15.88 19.34
CA ASN F 82 -8.06 15.06 19.00
C ASN F 82 -7.97 14.32 17.67
N VAL F 83 -7.35 14.97 16.67
CA VAL F 83 -7.12 14.33 15.36
C VAL F 83 -6.25 13.10 15.58
N SER F 84 -5.17 13.23 16.32
CA SER F 84 -4.27 12.11 16.62
C SER F 84 -5.01 10.98 17.33
N ARG F 85 -5.79 11.32 18.34
CA ARG F 85 -6.47 10.33 19.16
C ARG F 85 -7.47 9.56 18.30
N HIS F 86 -8.06 10.29 17.38
CA HIS F 86 -9.01 9.76 16.42
C HIS F 86 -8.41 8.71 15.49
N ILE F 87 -7.30 9.04 14.81
CA ILE F 87 -6.65 8.06 13.93
C ILE F 87 -5.86 6.99 14.68
N ILE F 88 -5.49 7.26 15.92
CA ILE F 88 -4.88 6.23 16.75
C ILE F 88 -5.92 5.15 17.18
N GLY F 89 -7.12 5.60 17.57
CA GLY F 89 -8.15 4.68 18.06
C GLY F 89 -8.10 4.37 19.55
N SER F 90 -9.16 3.72 20.02
CA SER F 90 -9.30 3.35 21.45
C SER F 90 -8.10 2.65 22.06
N THR F 91 -7.92 2.86 23.35
CA THR F 91 -6.84 2.26 24.12
C THR F 91 -6.73 0.77 23.89
N ASN F 92 -7.88 0.12 23.78
CA ASN F 92 -7.91 -1.30 23.53
C ASN F 92 -8.08 -1.61 22.03
N PRO F 93 -7.00 -2.05 21.40
CA PRO F 93 -7.03 -2.33 19.97
C PRO F 93 -8.18 -3.23 19.49
N SER F 94 -8.77 -4.04 20.37
CA SER F 94 -9.97 -4.78 19.97
C SER F 94 -11.24 -3.94 19.93
N GLU F 95 -11.27 -2.79 20.62
CA GLU F 95 -12.41 -1.87 20.53
C GLU F 95 -12.16 -0.89 19.38
N ALA F 96 -10.88 -0.71 19.04
CA ALA F 96 -10.47 0.39 18.17
C ALA F 96 -11.12 0.19 16.83
N SER F 97 -11.58 1.29 16.24
CA SER F 97 -12.19 1.17 14.94
C SER F 97 -11.22 0.58 13.92
N PRO F 98 -11.69 -0.39 13.15
CA PRO F 98 -10.84 -0.82 12.04
C PRO F 98 -10.50 0.42 11.21
N GLY F 99 -9.29 0.52 10.69
CA GLY F 99 -8.89 1.72 9.97
C GLY F 99 -8.01 2.62 10.83
N SER F 100 -8.12 2.48 12.15
CA SER F 100 -7.24 3.23 13.05
C SER F 100 -5.96 2.47 13.18
N ILE F 101 -4.92 3.17 13.64
CA ILE F 101 -3.63 2.53 13.91
C ILE F 101 -3.75 1.31 14.84
N ARG F 102 -4.43 1.46 15.98
CA ARG F 102 -4.60 0.33 16.92
C ARG F 102 -5.58 -0.71 16.39
N GLY F 103 -6.60 -0.25 15.70
CA GLY F 103 -7.58 -1.16 15.14
C GLY F 103 -6.99 -2.09 14.10
N ASP F 104 -6.12 -1.57 13.22
CA ASP F 104 -5.49 -2.39 12.20
C ASP F 104 -4.26 -3.14 12.69
N LEU F 105 -3.51 -2.58 13.64
CA LEU F 105 -2.18 -3.11 13.96
C LEU F 105 -1.99 -3.82 15.30
N GLY F 106 -2.81 -3.54 16.30
CA GLY F 106 -2.56 -4.04 17.64
C GLY F 106 -3.58 -5.05 18.13
N LEU F 107 -3.21 -5.78 19.16
CA LEU F 107 -4.11 -6.77 19.74
C LEU F 107 -4.47 -6.43 21.20
N THR F 108 -3.48 -6.01 22.01
CA THR F 108 -3.72 -5.85 23.44
C THR F 108 -3.48 -4.43 23.97
N VAL F 109 -4.19 -4.12 25.04
CA VAL F 109 -4.10 -2.84 25.66
C VAL F 109 -2.64 -2.49 26.00
N GLY F 110 -1.87 -3.45 26.53
CA GLY F 110 -0.49 -3.18 26.92
C GLY F 110 0.48 -3.09 25.76
N ARG F 111 0.10 -3.66 24.62
CA ARG F 111 0.94 -3.64 23.44
C ARG F 111 0.19 -2.97 22.31
N ASN F 112 -0.04 -1.66 22.48
CA ASN F 112 -0.91 -0.93 21.55
C ASN F 112 -0.25 0.12 20.65
N ILE F 113 0.97 -0.17 20.22
CA ILE F 113 1.58 0.46 19.04
C ILE F 113 2.05 1.87 19.25
N ILE F 114 1.21 2.73 19.81
CA ILE F 114 1.48 4.17 19.81
C ILE F 114 0.79 4.88 20.96
N HIS F 115 1.43 5.95 21.45
CA HIS F 115 0.85 6.81 22.48
C HIS F 115 0.53 8.16 21.86
N GLY F 116 -0.58 8.74 22.29
CA GLY F 116 -0.89 10.12 21.99
C GLY F 116 -1.37 10.86 23.25
N SER F 117 -0.98 12.11 23.41
CA SER F 117 -1.47 12.91 24.52
C SER F 117 -2.98 12.91 24.56
N ASP F 118 -3.54 12.70 25.75
CA ASP F 118 -5.01 12.64 25.88
C ASP F 118 -5.74 14.00 25.89
N SER F 119 -5.01 15.09 26.08
CA SER F 119 -5.60 16.43 26.20
C SER F 119 -4.59 17.53 25.91
N LEU F 120 -5.10 18.73 25.72
CA LEU F 120 -4.25 19.88 25.55
C LEU F 120 -3.26 20.08 26.71
N GLU F 121 -3.76 19.96 27.92
CA GLU F 121 -2.90 20.01 29.07
C GLU F 121 -1.77 19.01 29.13
N SER F 122 -2.06 17.75 28.91
CA SER F 122 -0.96 16.75 28.93
C SER F 122 -0.07 16.78 27.67
N ALA F 123 -0.58 17.36 26.59
CA ALA F 123 0.22 17.62 25.41
C ALA F 123 1.39 18.54 25.73
N GLU F 124 1.14 19.69 26.35
CA GLU F 124 2.31 20.55 26.64
C GLU F 124 3.22 20.03 27.76
N ARG F 125 2.66 19.31 28.73
CA ARG F 125 3.45 18.51 29.65
C ARG F 125 4.38 17.56 28.91
N GLU F 126 3.80 16.71 28.08
CA GLU F 126 4.55 15.64 27.40
C GLU F 126 5.58 16.19 26.43
N ILE F 127 5.17 17.20 25.65
CA ILE F 127 6.10 17.84 24.73
C ILE F 127 7.31 18.36 25.49
N ASN F 128 7.01 18.99 26.62
CA ASN F 128 8.03 19.58 27.44
C ASN F 128 8.96 18.56 28.08
N LEU F 129 8.40 17.41 28.44
CA LEU F 129 9.15 16.37 29.13
C LEU F 129 10.12 15.66 28.15
N TRP F 130 9.66 15.44 26.90
CA TRP F 130 10.39 14.63 25.95
C TRP F 130 11.27 15.41 24.98
N PHE F 131 10.96 16.68 24.78
CA PHE F 131 11.71 17.50 23.81
C PHE F 131 12.22 18.80 24.42
N ASN F 132 13.33 19.30 23.88
CA ASN F 132 13.72 20.70 24.08
C ASN F 132 13.32 21.54 22.90
N GLU F 133 13.06 22.82 23.15
CA GLU F 133 12.53 23.68 22.11
C GLU F 133 13.38 23.59 20.84
N ASN F 134 14.68 23.50 21.00
CA ASN F 134 15.56 23.47 19.84
C ASN F 134 15.50 22.16 19.02
N GLU F 135 14.80 21.16 19.55
CA GLU F 135 14.59 19.91 18.85
C GLU F 135 13.31 19.95 18.00
N ILE F 136 12.47 20.96 18.22
CA ILE F 136 11.20 21.06 17.54
C ILE F 136 11.32 22.17 16.52
N THR F 137 11.19 21.81 15.25
CA THR F 137 11.32 22.75 14.14
C THR F 137 9.98 23.42 13.80
N SER F 138 10.03 24.54 13.06
CA SER F 138 8.83 25.19 12.59
C SER F 138 9.04 25.44 11.12
N TYR F 139 8.07 25.04 10.31
CA TYR F 139 8.17 25.24 8.87
C TYR F 139 6.83 25.19 8.17
N ALA F 140 6.70 26.03 7.14
CA ALA F 140 5.57 25.99 6.26
C ALA F 140 5.75 24.79 5.29
N SER F 141 4.64 24.21 4.84
CA SER F 141 4.71 23.16 3.83
C SER F 141 3.75 23.50 2.73
N PRO F 142 4.07 23.08 1.51
CA PRO F 142 3.22 23.26 0.35
C PRO F 142 1.73 22.92 0.58
N ARG F 143 1.43 21.83 1.28
CA ARG F 143 0.04 21.40 1.46
C ARG F 143 -0.78 22.20 2.48
N ASP F 144 -0.11 23.04 3.30
CA ASP F 144 -0.77 23.81 4.34
C ASP F 144 -1.94 24.62 3.83
N ALA F 145 -1.79 25.25 2.67
CA ALA F 145 -2.87 26.06 2.09
C ALA F 145 -4.00 25.18 1.51
N TRP F 146 -3.75 23.87 1.49
CA TRP F 146 -4.74 22.94 0.96
C TRP F 146 -5.35 22.09 2.07
N LEU F 147 -4.78 22.12 3.25
CA LEU F 147 -5.40 21.44 4.39
C LEU F 147 -6.44 22.34 5.09
N TYR F 148 -6.16 23.64 5.07
CA TYR F 148 -6.92 24.62 5.84
C TYR F 148 -7.24 25.79 4.97
N GLU F 149 -8.18 26.63 5.43
CA GLU F 149 -8.19 28.01 4.96
C GLU F 149 -8.24 29.06 6.06
#